data_4EHM
#
_entry.id   4EHM
#
_cell.length_a   66.421
_cell.length_b   91.078
_cell.length_c   114.725
_cell.angle_alpha   90.00
_cell.angle_beta   90.00
_cell.angle_gamma   90.00
#
_symmetry.space_group_name_H-M   'P 21 21 21'
#
loop_
_entity.id
_entity.type
_entity.pdbx_description
1 polymer 'Geranylgeranyl transferase type-2 subunit alpha'
2 polymer 'Geranylgeranyl transferase type-2 subunit beta'
3 non-polymer '4-formyl-3-hydroxy-8-methoxy-1,9-dimethyl-11-oxo-11H-dibenzo[b,e][1,4]dioxepine-6-carboxylic acid'
4 non-polymer 'ZINC ION'
5 non-polymer 'CALCIUM ION'
6 water water
#
loop_
_entity_poly.entity_id
_entity_poly.type
_entity_poly.pdbx_seq_one_letter_code
_entity_poly.pdbx_strand_id
1 'polypeptide(L)'
;MHGRLKVKTSEEQAEAKRLEREQKLKLYQSATQAVFQKRQAGELDESVLELTSQILGANPDFATLWNCRREVLQHLETEK
SPEESAALVKAELGFLESCLRVNPKSYGTWHHRCWLLSRLPEPNWARELELCARFLEADERNFHCWDYRRFVAAQAAVAP
AEELAFTDSLITRNFSNYSSWHYRSCLLPQLHPQPDSGPQGRLPENVLLKELELVQNAFFTDPNDQSAWFYHRWLLGAGS
GRCELSVEKSTVLQSELESCKELQELEPENKWCLLTIILLMRALDPLLYEKETLQYFSTLKAVDPMRAAYLDDLRSKFLL
ENSVLKMEYA
;
A
2 'polypeptide(L)'
;GTQQKDVTIKSDAPDTLLLEKHADYIASYGSKKDDYEYCMSEYLRMSGVYWGLTVMDLMGQLHRMNKEEILVFIKSCQHE
CGGVSASIGHDPHLLYTLSAVQILTLYDSIHVINVDKVVAYVQSLQKEDGSFAGDIWGEIDTRFSFCAVATLALLGKLDA
INVEKAIEFVLSCMNFDGGFGCRPGSESHAGQIYCCTGFLAITSQLHQVNSDLLGWWLCERQLPSGGLNGRPEKLPDVCY
SWWVLASLKIIGRLHWIDREKLRSFILACQDEETGGFADRPGDMVDPFHTLFGIAGLSLLGEEQIKPVSPVFCMPEEVLQ
RVNVQPELVS
;
B
#
# COMPACT_ATOMS: atom_id res chain seq x y z
N MET A 1 1.17 2.11 10.23
CA MET A 1 0.35 2.03 11.48
C MET A 1 0.00 3.50 11.90
N HIS A 2 0.38 3.91 13.12
CA HIS A 2 -0.03 5.20 13.68
C HIS A 2 0.99 6.29 13.36
N GLY A 3 0.44 7.42 12.93
CA GLY A 3 1.18 8.55 12.42
C GLY A 3 0.12 9.47 11.82
N ARG A 4 -0.10 10.66 12.38
CA ARG A 4 0.70 11.19 13.49
C ARG A 4 0.00 12.36 14.24
N LEU A 5 0.59 12.71 15.38
CA LEU A 5 0.12 13.85 16.15
C LEU A 5 1.00 15.06 15.86
N LYS A 6 0.40 16.24 16.04
CA LYS A 6 1.12 17.51 15.94
C LYS A 6 2.20 17.57 17.03
N VAL A 7 3.31 18.26 16.74
CA VAL A 7 4.42 18.38 17.70
C VAL A 7 4.22 19.57 18.65
N GLN A 13 -1.20 22.30 31.34
CA GLN A 13 -1.07 21.05 32.08
C GLN A 13 -0.58 19.93 31.16
N ALA A 14 0.74 19.68 31.17
CA ALA A 14 1.36 18.64 30.35
C ALA A 14 2.01 17.52 31.17
N GLU A 15 1.67 17.46 32.47
CA GLU A 15 2.16 16.41 33.36
C GLU A 15 1.08 15.35 33.60
N ALA A 16 -0.19 15.79 33.68
CA ALA A 16 -1.34 14.86 33.80
C ALA A 16 -1.64 14.13 32.47
N LYS A 17 -1.08 14.65 31.37
CA LYS A 17 -1.04 13.92 30.11
C LYS A 17 0.13 12.93 30.12
N ARG A 18 1.30 13.40 30.56
CA ARG A 18 2.49 12.56 30.70
C ARG A 18 2.38 11.56 31.87
N LEU A 19 1.50 11.86 32.83
CA LEU A 19 1.24 10.96 33.97
C LEU A 19 0.39 9.77 33.52
N GLU A 20 -0.74 10.07 32.88
CA GLU A 20 -1.66 9.06 32.36
C GLU A 20 -1.01 8.12 31.34
N ARG A 21 -0.11 8.65 30.52
CA ARG A 21 0.68 7.83 29.59
C ARG A 21 1.52 6.81 30.37
N GLU A 22 2.16 7.26 31.44
CA GLU A 22 2.94 6.37 32.31
C GLU A 22 2.05 5.32 32.98
N GLN A 23 0.82 5.74 33.31
CA GLN A 23 -0.15 4.85 33.96
C GLN A 23 -0.65 3.77 33.01
N LYS A 24 -1.00 4.15 31.79
CA LYS A 24 -1.44 3.19 30.77
C LYS A 24 -0.34 2.19 30.39
N LEU A 25 0.91 2.65 30.38
CA LEU A 25 2.06 1.80 30.04
C LEU A 25 2.19 0.64 31.03
N LYS A 26 2.10 0.94 32.33
CA LYS A 26 2.21 -0.07 33.37
C LYS A 26 1.11 -1.14 33.29
N LEU A 27 -0.10 -0.72 32.90
CA LEU A 27 -1.23 -1.65 32.75
C LEU A 27 -0.97 -2.53 31.53
N TYR A 28 -0.61 -1.87 30.42
CA TYR A 28 -0.17 -2.52 29.19
C TYR A 28 0.97 -3.50 29.48
N GLN A 29 1.98 -3.00 30.17
CA GLN A 29 3.21 -3.76 30.49
C GLN A 29 2.95 -5.00 31.35
N SER A 30 2.21 -4.82 32.44
CA SER A 30 1.85 -5.93 33.34
C SER A 30 0.93 -6.94 32.65
N ALA A 31 -0.07 -6.45 31.93
CA ALA A 31 -0.97 -7.31 31.14
C ALA A 31 -0.20 -8.14 30.11
N THR A 32 0.63 -7.46 29.31
CA THR A 32 1.47 -8.13 28.31
C THR A 32 2.36 -9.20 28.96
N GLN A 33 3.11 -8.80 29.98
CA GLN A 33 3.89 -9.72 30.85
C GLN A 33 3.13 -11.00 31.16
N ALA A 34 1.91 -10.83 31.68
CA ALA A 34 1.10 -11.92 32.21
C ALA A 34 0.58 -12.85 31.14
N VAL A 35 0.10 -12.28 30.04
CA VAL A 35 -0.38 -13.07 28.90
C VAL A 35 0.71 -14.02 28.43
N PHE A 36 1.92 -13.47 28.29
CA PHE A 36 3.07 -14.26 27.86
C PHE A 36 3.45 -15.31 28.90
N GLN A 37 3.44 -14.93 30.18
CA GLN A 37 3.73 -15.89 31.24
C GLN A 37 2.71 -17.04 31.14
N LYS A 38 1.43 -16.69 31.05
CA LYS A 38 0.34 -17.66 30.93
C LYS A 38 0.50 -18.58 29.73
N ARG A 39 0.97 -18.00 28.64
CA ARG A 39 1.07 -18.68 27.36
C ARG A 39 2.21 -19.70 27.39
N GLN A 40 3.34 -19.26 27.94
CA GLN A 40 4.49 -20.12 28.22
C GLN A 40 4.10 -21.25 29.19
N ALA A 41 3.20 -20.94 30.14
CA ALA A 41 2.66 -21.95 31.07
C ALA A 41 1.55 -22.85 30.48
N GLY A 42 1.32 -22.76 29.16
CA GLY A 42 0.24 -23.49 28.51
C GLY A 42 -1.17 -23.21 29.04
N GLU A 43 -1.37 -22.09 29.72
CA GLU A 43 -2.69 -21.76 30.28
C GLU A 43 -3.54 -21.09 29.20
N LEU A 44 -4.22 -21.90 28.42
CA LEU A 44 -5.07 -21.42 27.34
C LEU A 44 -6.52 -21.26 27.82
N ASP A 45 -6.77 -20.22 28.60
CA ASP A 45 -8.10 -20.00 29.17
C ASP A 45 -8.60 -18.57 28.94
N GLU A 46 -9.75 -18.26 29.54
CA GLU A 46 -10.44 -16.96 29.40
C GLU A 46 -9.71 -15.80 30.03
N SER A 47 -8.77 -16.08 30.93
CA SER A 47 -7.95 -15.01 31.49
C SER A 47 -7.10 -14.32 30.41
N VAL A 48 -6.69 -15.09 29.40
CA VAL A 48 -5.93 -14.58 28.26
C VAL A 48 -6.83 -13.74 27.36
N LEU A 49 -8.05 -14.20 27.08
CA LEU A 49 -9.06 -13.37 26.40
C LEU A 49 -9.33 -12.04 27.14
N GLU A 50 -9.30 -12.05 28.46
CA GLU A 50 -9.50 -10.84 29.24
C GLU A 50 -8.32 -9.91 29.06
N LEU A 51 -7.14 -10.44 29.39
CA LEU A 51 -5.91 -9.65 29.34
C LEU A 51 -5.69 -9.04 27.94
N THR A 52 -5.93 -9.84 26.90
CA THR A 52 -5.70 -9.34 25.55
C THR A 52 -6.74 -8.30 25.11
N SER A 53 -7.97 -8.40 25.63
CA SER A 53 -9.03 -7.47 25.20
C SER A 53 -8.67 -6.01 25.51
N GLN A 54 -8.00 -5.83 26.65
CA GLN A 54 -7.52 -4.52 27.08
C GLN A 54 -6.45 -3.98 26.08
N ILE A 55 -5.42 -4.80 25.85
CA ILE A 55 -4.31 -4.38 25.01
C ILE A 55 -4.73 -4.21 23.55
N LEU A 56 -5.47 -5.17 23.00
CA LEU A 56 -5.82 -5.14 21.57
C LEU A 56 -6.74 -3.98 21.22
N GLY A 57 -7.57 -3.56 22.18
CA GLY A 57 -8.42 -2.37 22.00
C GLY A 57 -7.63 -1.11 21.69
N ALA A 58 -6.52 -0.93 22.40
CA ALA A 58 -5.57 0.18 22.16
C ALA A 58 -4.47 -0.14 21.11
N ASN A 59 -4.08 -1.40 20.97
CA ASN A 59 -3.10 -1.77 19.94
C ASN A 59 -3.50 -2.99 19.15
N PRO A 60 -4.41 -2.82 18.19
CA PRO A 60 -4.79 -3.98 17.39
C PRO A 60 -3.68 -4.46 16.44
N ASP A 61 -2.55 -3.76 16.36
CA ASP A 61 -1.42 -4.22 15.54
C ASP A 61 -0.49 -5.19 16.26
N PHE A 62 -0.71 -5.38 17.56
CA PHE A 62 0.01 -6.39 18.34
C PHE A 62 -0.45 -7.81 17.93
N ALA A 63 0.08 -8.25 16.79
CA ALA A 63 -0.33 -9.47 16.09
C ALA A 63 -0.27 -10.71 16.93
N THR A 64 0.81 -10.86 17.70
CA THR A 64 0.98 -12.04 18.59
C THR A 64 -0.22 -12.20 19.53
N LEU A 65 -0.80 -11.10 20.01
CA LEU A 65 -1.99 -11.22 20.86
C LEU A 65 -3.24 -11.72 20.11
N TRP A 66 -3.43 -11.33 18.86
CA TRP A 66 -4.47 -11.93 18.05
C TRP A 66 -4.27 -13.43 17.91
N ASN A 67 -3.02 -13.83 17.73
CA ASN A 67 -2.65 -15.23 17.63
C ASN A 67 -3.01 -15.99 18.93
N CYS A 68 -2.66 -15.39 20.07
CA CYS A 68 -3.01 -15.92 21.40
C CYS A 68 -4.49 -16.12 21.54
N ARG A 69 -5.29 -15.13 21.14
CA ARG A 69 -6.76 -15.30 21.18
C ARG A 69 -7.19 -16.50 20.40
N ARG A 70 -6.68 -16.62 19.18
CA ARG A 70 -7.06 -17.76 18.31
C ARG A 70 -6.70 -19.11 18.95
N GLU A 71 -5.58 -19.15 19.67
CA GLU A 71 -5.14 -20.39 20.33
C GLU A 71 -6.06 -20.73 21.47
N VAL A 72 -6.42 -19.70 22.24
CA VAL A 72 -7.38 -19.88 23.32
C VAL A 72 -8.71 -20.36 22.73
N LEU A 73 -9.24 -19.64 21.74
CA LEU A 73 -10.51 -19.99 21.14
C LEU A 73 -10.55 -21.42 20.58
N GLN A 74 -9.52 -21.77 19.83
CA GLN A 74 -9.38 -23.13 19.30
C GLN A 74 -9.39 -24.21 20.39
N HIS A 75 -8.53 -24.03 21.40
CA HIS A 75 -8.45 -24.98 22.50
C HIS A 75 -9.82 -25.16 23.19
N LEU A 76 -10.40 -24.05 23.62
CA LEU A 76 -11.73 -24.06 24.26
C LEU A 76 -12.80 -24.77 23.41
N GLU A 77 -12.80 -24.58 22.08
CA GLU A 77 -13.79 -25.21 21.20
C GLU A 77 -13.79 -26.75 21.28
N THR A 78 -12.64 -27.34 21.58
CA THR A 78 -12.54 -28.79 21.73
C THR A 78 -13.18 -29.22 23.04
N GLU A 79 -12.91 -28.46 24.10
CA GLU A 79 -13.40 -28.78 25.44
C GLU A 79 -14.62 -27.95 25.90
N LYS A 80 -15.54 -27.62 24.99
CA LYS A 80 -16.76 -26.91 25.34
C LYS A 80 -17.93 -27.41 24.50
N SER A 81 -19.13 -27.36 25.07
CA SER A 81 -20.33 -27.76 24.35
C SER A 81 -20.56 -26.80 23.19
N PRO A 82 -21.31 -27.22 22.16
CA PRO A 82 -21.58 -26.29 21.07
C PRO A 82 -22.37 -25.04 21.51
N GLU A 83 -22.95 -25.09 22.71
CA GLU A 83 -23.65 -23.95 23.29
C GLU A 83 -22.67 -22.97 23.95
N GLU A 84 -21.66 -23.49 24.65
CA GLU A 84 -20.61 -22.66 25.21
C GLU A 84 -19.68 -22.09 24.11
N SER A 85 -19.56 -22.82 23.00
CA SER A 85 -18.68 -22.41 21.90
C SER A 85 -19.32 -21.27 21.10
N ALA A 86 -20.63 -21.36 20.86
CA ALA A 86 -21.38 -20.31 20.21
C ALA A 86 -21.41 -18.99 21.02
N ALA A 87 -21.35 -19.11 22.34
CA ALA A 87 -21.33 -17.97 23.23
C ALA A 87 -19.98 -17.27 23.18
N LEU A 88 -18.90 -18.04 23.22
CA LEU A 88 -17.54 -17.49 23.09
C LEU A 88 -17.37 -16.81 21.76
N VAL A 89 -17.96 -17.40 20.72
CA VAL A 89 -17.94 -16.85 19.37
C VAL A 89 -18.69 -15.54 19.28
N LYS A 90 -19.91 -15.50 19.78
CA LYS A 90 -20.69 -14.23 19.76
C LYS A 90 -20.02 -13.11 20.57
N ALA A 91 -19.42 -13.44 21.70
CA ALA A 91 -18.60 -12.48 22.44
C ALA A 91 -17.42 -11.99 21.61
N GLU A 92 -16.85 -12.88 20.80
CA GLU A 92 -15.70 -12.49 19.95
C GLU A 92 -16.10 -11.55 18.82
N LEU A 93 -17.29 -11.75 18.26
CA LEU A 93 -17.86 -10.83 17.25
C LEU A 93 -18.08 -9.45 17.81
N GLY A 94 -18.59 -9.38 19.04
CA GLY A 94 -18.82 -8.13 19.72
C GLY A 94 -17.51 -7.43 20.02
N PHE A 95 -16.55 -8.20 20.49
CA PHE A 95 -15.22 -7.65 20.78
C PHE A 95 -14.58 -7.07 19.52
N LEU A 96 -14.54 -7.87 18.46
CA LEU A 96 -14.04 -7.40 17.15
C LEU A 96 -14.68 -6.11 16.70
N GLU A 97 -15.97 -5.98 16.89
CA GLU A 97 -16.67 -4.77 16.41
C GLU A 97 -16.32 -3.55 17.23
N SER A 98 -16.15 -3.72 18.53
CA SER A 98 -15.75 -2.62 19.39
C SER A 98 -14.33 -2.20 19.01
N CYS A 99 -13.49 -3.16 18.65
CA CYS A 99 -12.12 -2.87 18.21
C CYS A 99 -12.10 -2.08 16.91
N LEU A 100 -12.90 -2.52 15.94
CA LEU A 100 -13.00 -1.85 14.65
C LEU A 100 -13.61 -0.46 14.76
N ARG A 101 -14.62 -0.28 15.60
CA ARG A 101 -15.19 1.07 15.79
C ARG A 101 -14.09 2.04 16.16
N VAL A 102 -13.11 1.57 16.93
CA VAL A 102 -12.04 2.41 17.44
C VAL A 102 -10.92 2.60 16.43
N ASN A 103 -10.45 1.50 15.86
CA ASN A 103 -9.49 1.52 14.75
C ASN A 103 -9.94 0.65 13.56
N PRO A 104 -10.72 1.24 12.63
CA PRO A 104 -11.23 0.49 11.50
C PRO A 104 -10.25 0.15 10.38
N LYS A 105 -8.96 0.43 10.55
CA LYS A 105 -7.98 0.25 9.49
C LYS A 105 -6.82 -0.66 9.93
N SER A 106 -7.07 -1.60 10.81
CA SER A 106 -6.05 -2.50 11.31
C SER A 106 -6.18 -3.82 10.56
N TYR A 107 -5.08 -4.24 9.96
CA TYR A 107 -5.01 -5.54 9.31
C TYR A 107 -5.38 -6.64 10.28
N GLY A 108 -4.85 -6.59 11.51
CA GLY A 108 -5.03 -7.68 12.45
C GLY A 108 -6.48 -7.99 12.81
N THR A 109 -7.26 -6.94 13.02
CA THR A 109 -8.62 -7.05 13.49
C THR A 109 -9.48 -7.57 12.37
N TRP A 110 -9.32 -7.01 11.18
CA TRP A 110 -10.04 -7.50 10.01
C TRP A 110 -9.65 -8.95 9.72
N HIS A 111 -8.38 -9.30 9.82
CA HIS A 111 -7.99 -10.71 9.59
C HIS A 111 -8.58 -11.66 10.64
N HIS A 112 -8.53 -11.28 11.91
CA HIS A 112 -9.15 -12.09 12.95
C HIS A 112 -10.63 -12.36 12.67
N ARG A 113 -11.34 -11.34 12.19
CA ARG A 113 -12.76 -11.50 11.90
C ARG A 113 -12.99 -12.49 10.74
N CYS A 114 -12.17 -12.40 9.72
CA CYS A 114 -12.25 -13.32 8.59
CA CYS A 114 -12.23 -13.34 8.58
C CYS A 114 -11.90 -14.75 9.04
N TRP A 115 -10.86 -14.87 9.86
CA TRP A 115 -10.48 -16.16 10.43
C TRP A 115 -11.67 -16.73 11.19
N LEU A 116 -12.26 -15.89 12.05
CA LEU A 116 -13.37 -16.28 12.89
C LEU A 116 -14.53 -16.76 12.07
N LEU A 117 -14.99 -15.92 11.16
CA LEU A 117 -16.19 -16.20 10.35
C LEU A 117 -15.99 -17.41 9.44
N SER A 118 -14.74 -17.65 9.03
CA SER A 118 -14.38 -18.74 8.12
C SER A 118 -14.56 -20.12 8.74
N ARG A 119 -14.44 -20.21 10.06
CA ARG A 119 -14.50 -21.48 10.78
CA ARG A 119 -14.51 -21.49 10.76
C ARG A 119 -15.82 -21.72 11.54
N LEU A 120 -16.73 -20.75 11.48
CA LEU A 120 -18.08 -20.91 12.06
C LEU A 120 -18.94 -21.92 11.29
N PRO A 121 -19.77 -22.70 12.01
CA PRO A 121 -20.66 -23.68 11.38
C PRO A 121 -21.88 -23.03 10.70
N GLU A 122 -22.49 -22.03 11.35
CA GLU A 122 -23.59 -21.23 10.75
C GLU A 122 -23.26 -19.72 10.73
N PRO A 123 -22.39 -19.30 9.78
CA PRO A 123 -22.05 -17.87 9.64
C PRO A 123 -23.19 -17.05 9.04
N ASN A 124 -23.49 -15.92 9.67
CA ASN A 124 -24.57 -15.04 9.25
C ASN A 124 -23.97 -13.97 8.33
N TRP A 125 -23.94 -14.27 7.03
CA TRP A 125 -23.29 -13.40 6.08
C TRP A 125 -24.06 -12.09 5.82
N ALA A 126 -25.39 -12.12 5.89
CA ALA A 126 -26.18 -10.90 5.61
C ALA A 126 -25.88 -9.83 6.66
N ARG A 127 -25.70 -10.30 7.88
CA ARG A 127 -25.31 -9.47 8.99
C ARG A 127 -23.89 -8.87 8.77
N GLU A 128 -22.98 -9.69 8.26
CA GLU A 128 -21.64 -9.21 7.92
C GLU A 128 -21.64 -8.19 6.78
N LEU A 129 -22.51 -8.37 5.79
CA LEU A 129 -22.60 -7.42 4.67
C LEU A 129 -23.16 -6.13 5.17
N GLU A 130 -24.05 -6.22 6.14
CA GLU A 130 -24.63 -5.04 6.76
C GLU A 130 -23.57 -4.31 7.60
N LEU A 131 -22.70 -5.06 8.25
CA LEU A 131 -21.57 -4.47 8.95
C LEU A 131 -20.76 -3.62 7.95
N CYS A 132 -20.47 -4.17 6.77
CA CYS A 132 -19.72 -3.47 5.73
C CYS A 132 -20.40 -2.18 5.26
N ALA A 133 -21.71 -2.27 5.04
CA ALA A 133 -22.49 -1.11 4.64
C ALA A 133 -22.33 0.02 5.67
N ARG A 134 -22.38 -0.32 6.95
CA ARG A 134 -22.21 0.65 8.00
C ARG A 134 -20.82 1.26 8.00
N PHE A 135 -19.78 0.44 7.82
CA PHE A 135 -18.43 0.94 7.87
C PHE A 135 -18.12 1.75 6.63
N LEU A 136 -18.74 1.38 5.51
CA LEU A 136 -18.54 2.11 4.28
C LEU A 136 -19.28 3.46 4.23
N GLU A 137 -20.36 3.61 4.99
CA GLU A 137 -20.98 4.93 5.29
C GLU A 137 -20.07 5.80 6.11
N ALA A 138 -19.41 5.25 7.12
CA ALA A 138 -18.40 6.00 7.87
C ALA A 138 -17.17 6.31 7.01
N ASP A 139 -16.71 5.37 6.20
CA ASP A 139 -15.51 5.62 5.40
C ASP A 139 -15.56 4.83 4.11
N GLU A 140 -16.01 5.50 3.07
CA GLU A 140 -16.23 4.86 1.78
C GLU A 140 -14.95 4.58 1.01
N ARG A 141 -13.80 4.94 1.59
CA ARG A 141 -12.50 4.61 1.06
C ARG A 141 -11.80 3.59 1.94
N ASN A 142 -12.51 2.92 2.84
CA ASN A 142 -11.82 1.97 3.72
C ASN A 142 -11.55 0.65 2.99
N PHE A 143 -10.38 0.54 2.38
CA PHE A 143 -10.09 -0.64 1.56
C PHE A 143 -10.09 -1.96 2.37
N HIS A 144 -9.71 -1.92 3.65
CA HIS A 144 -9.87 -3.11 4.50
C HIS A 144 -11.33 -3.62 4.47
N CYS A 145 -12.26 -2.69 4.58
CA CYS A 145 -13.68 -3.01 4.61
C CYS A 145 -14.24 -3.44 3.26
N TRP A 146 -13.83 -2.74 2.22
CA TRP A 146 -14.15 -3.20 0.89
C TRP A 146 -13.61 -4.63 0.61
N ASP A 147 -12.43 -4.93 1.11
CA ASP A 147 -11.86 -6.26 0.99
C ASP A 147 -12.65 -7.27 1.80
N TYR A 148 -13.01 -6.92 3.03
CA TYR A 148 -13.84 -7.80 3.86
C TYR A 148 -15.17 -8.00 3.16
N ARG A 149 -15.73 -6.93 2.60
CA ARG A 149 -16.98 -7.02 1.86
C ARG A 149 -16.94 -8.01 0.69
N ARG A 150 -15.86 -8.01 -0.09
CA ARG A 150 -15.69 -8.97 -1.20
C ARG A 150 -15.58 -10.40 -0.65
N PHE A 151 -14.82 -10.58 0.43
CA PHE A 151 -14.74 -11.86 1.14
C PHE A 151 -16.12 -12.36 1.53
N VAL A 152 -16.91 -11.53 2.18
CA VAL A 152 -18.24 -11.92 2.60
C VAL A 152 -19.11 -12.27 1.41
N ALA A 153 -19.10 -11.40 0.39
CA ALA A 153 -19.87 -11.56 -0.83
C ALA A 153 -19.59 -12.90 -1.50
N ALA A 154 -18.30 -13.28 -1.54
CA ALA A 154 -17.88 -14.58 -2.05
C ALA A 154 -18.53 -15.66 -1.19
N GLN A 155 -18.29 -15.60 0.11
CA GLN A 155 -18.78 -16.63 1.00
C GLN A 155 -20.27 -16.81 0.85
N ALA A 156 -21.01 -15.71 0.74
CA ALA A 156 -22.45 -15.80 0.60
C ALA A 156 -22.88 -16.01 -0.87
N ALA A 157 -21.93 -16.34 -1.75
CA ALA A 157 -22.21 -16.49 -3.18
C ALA A 157 -23.15 -15.40 -3.65
N VAL A 158 -22.79 -14.14 -3.33
CA VAL A 158 -23.55 -12.96 -3.74
C VAL A 158 -23.21 -12.66 -5.21
N ALA A 159 -24.23 -12.32 -6.00
CA ALA A 159 -24.08 -12.22 -7.45
C ALA A 159 -23.51 -10.85 -7.87
N PRO A 160 -22.55 -10.84 -8.79
CA PRO A 160 -21.98 -9.59 -9.31
C PRO A 160 -22.98 -8.47 -9.58
N ALA A 161 -24.19 -8.82 -9.99
CA ALA A 161 -25.22 -7.82 -10.27
C ALA A 161 -25.65 -7.10 -8.99
N GLU A 162 -25.70 -7.83 -7.86
CA GLU A 162 -26.10 -7.23 -6.60
C GLU A 162 -25.01 -6.25 -6.13
N GLU A 163 -23.75 -6.66 -6.29
CA GLU A 163 -22.63 -5.79 -5.96
C GLU A 163 -22.56 -4.60 -6.94
N LEU A 164 -22.93 -4.82 -8.20
CA LEU A 164 -22.99 -3.72 -9.15
C LEU A 164 -24.08 -2.70 -8.76
N ALA A 165 -25.23 -3.17 -8.27
CA ALA A 165 -26.28 -2.26 -7.78
C ALA A 165 -25.83 -1.49 -6.53
N PHE A 166 -25.12 -2.15 -5.63
CA PHE A 166 -24.56 -1.49 -4.44
C PHE A 166 -23.56 -0.38 -4.83
N THR A 167 -22.79 -0.61 -5.89
CA THR A 167 -21.85 0.41 -6.38
C THR A 167 -22.57 1.62 -7.00
N ASP A 168 -23.67 1.38 -7.74
CA ASP A 168 -24.44 2.49 -8.29
CA ASP A 168 -24.54 2.43 -8.28
C ASP A 168 -25.05 3.34 -7.17
N SER A 169 -25.63 2.70 -6.16
CA SER A 169 -26.21 3.44 -5.04
C SER A 169 -25.12 4.26 -4.35
N LEU A 170 -23.91 3.72 -4.30
CA LEU A 170 -22.79 4.43 -3.66
C LEU A 170 -22.30 5.65 -4.46
N ILE A 171 -22.46 5.62 -5.79
CA ILE A 171 -21.84 6.65 -6.62
C ILE A 171 -22.70 7.91 -6.69
N THR A 172 -23.97 7.74 -7.05
CA THR A 172 -24.87 8.88 -7.14
C THR A 172 -25.03 9.64 -5.79
N ARG A 173 -24.99 8.90 -4.68
CA ARG A 173 -25.25 9.47 -3.34
C ARG A 173 -24.10 10.32 -2.73
N ASN A 174 -22.86 10.11 -3.18
CA ASN A 174 -21.73 10.96 -2.73
C ASN A 174 -20.46 10.81 -3.56
N PHE A 175 -19.52 11.74 -3.33
CA PHE A 175 -18.14 11.65 -3.81
C PHE A 175 -17.35 10.61 -2.98
N SER A 176 -16.01 10.68 -3.01
CA SER A 176 -15.16 9.58 -2.49
C SER A 176 -15.47 8.27 -3.21
N ASN A 177 -15.44 8.31 -4.54
CA ASN A 177 -15.89 7.20 -5.36
C ASN A 177 -14.82 6.30 -5.94
N TYR A 178 -13.53 6.61 -5.72
CA TYR A 178 -12.48 5.79 -6.33
C TYR A 178 -12.66 4.32 -6.01
N SER A 179 -12.90 4.02 -4.73
CA SER A 179 -13.11 2.65 -4.31
C SER A 179 -14.27 1.99 -5.05
N SER A 180 -15.33 2.78 -5.31
CA SER A 180 -16.54 2.29 -5.98
CA SER A 180 -16.52 2.28 -5.95
C SER A 180 -16.32 2.11 -7.45
N TRP A 181 -15.65 3.04 -8.10
CA TRP A 181 -15.32 2.82 -9.52
C TRP A 181 -14.39 1.59 -9.67
N HIS A 182 -13.39 1.48 -8.79
CA HIS A 182 -12.51 0.32 -8.82
C HIS A 182 -13.29 -0.98 -8.74
N TYR A 183 -14.23 -1.06 -7.81
CA TYR A 183 -15.06 -2.23 -7.66
C TYR A 183 -15.83 -2.51 -8.93
N ARG A 184 -16.39 -1.46 -9.54
CA ARG A 184 -17.05 -1.61 -10.82
C ARG A 184 -16.14 -2.17 -11.90
N SER A 185 -14.88 -1.75 -11.92
CA SER A 185 -13.95 -2.24 -12.93
C SER A 185 -13.72 -3.76 -12.86
N CYS A 186 -13.89 -4.34 -11.67
CA CYS A 186 -13.69 -5.79 -11.46
C CYS A 186 -14.99 -6.52 -11.60
N LEU A 187 -16.09 -5.83 -11.32
CA LEU A 187 -17.44 -6.43 -11.38
C LEU A 187 -17.92 -6.56 -12.82
N LEU A 188 -17.84 -5.49 -13.59
CA LEU A 188 -18.27 -5.51 -14.97
C LEU A 188 -17.67 -6.60 -15.85
N PRO A 189 -16.34 -6.79 -15.83
CA PRO A 189 -15.82 -7.93 -16.58
C PRO A 189 -16.36 -9.31 -16.15
N GLN A 190 -16.77 -9.48 -14.89
CA GLN A 190 -17.37 -10.74 -14.43
C GLN A 190 -18.75 -10.95 -15.02
N LEU A 191 -19.49 -9.87 -15.19
CA LEU A 191 -20.83 -9.91 -15.80
C LEU A 191 -20.79 -10.23 -17.28
N HIS A 192 -19.65 -9.92 -17.91
CA HIS A 192 -19.46 -10.10 -19.33
C HIS A 192 -18.08 -10.78 -19.50
N PRO A 193 -18.00 -12.07 -19.09
CA PRO A 193 -16.72 -12.76 -18.86
C PRO A 193 -16.07 -13.47 -20.07
N GLN A 194 -15.20 -12.74 -20.76
CA GLN A 194 -14.45 -13.25 -21.91
C GLN A 194 -12.99 -13.56 -21.53
N PRO A 195 -12.37 -14.59 -22.17
CA PRO A 195 -11.00 -15.03 -21.87
C PRO A 195 -9.98 -13.90 -21.62
N ARG A 202 -11.58 -5.24 -22.35
CA ARG A 202 -12.42 -5.25 -23.57
C ARG A 202 -13.88 -5.62 -23.25
N LEU A 203 -14.61 -4.64 -22.72
CA LEU A 203 -16.03 -4.81 -22.41
C LEU A 203 -16.89 -4.78 -23.69
N PRO A 204 -18.04 -5.47 -23.69
CA PRO A 204 -19.02 -5.27 -24.76
C PRO A 204 -19.39 -3.78 -25.01
N GLU A 205 -19.60 -3.42 -26.27
CA GLU A 205 -19.87 -2.02 -26.58
C GLU A 205 -21.05 -1.46 -25.82
N ASN A 206 -22.18 -2.17 -25.82
CA ASN A 206 -23.40 -1.71 -25.13
C ASN A 206 -23.12 -1.34 -23.67
N VAL A 207 -22.39 -2.22 -22.97
CA VAL A 207 -22.02 -1.99 -21.56
C VAL A 207 -21.07 -0.80 -21.42
N LEU A 208 -20.03 -0.80 -22.24
CA LEU A 208 -19.07 0.28 -22.26
C LEU A 208 -19.76 1.63 -22.45
N LEU A 209 -20.64 1.70 -23.47
CA LEU A 209 -21.38 2.94 -23.78
C LEU A 209 -22.23 3.40 -22.59
N LYS A 210 -22.82 2.44 -21.90
CA LYS A 210 -23.57 2.75 -20.69
C LYS A 210 -22.65 3.26 -19.57
N GLU A 211 -21.48 2.64 -19.42
CA GLU A 211 -20.48 3.08 -18.42
C GLU A 211 -19.93 4.44 -18.74
N LEU A 212 -19.70 4.71 -20.02
CA LEU A 212 -19.31 6.04 -20.47
C LEU A 212 -20.34 7.11 -20.06
N GLU A 213 -21.62 6.75 -20.18
CA GLU A 213 -22.70 7.68 -19.85
C GLU A 213 -22.66 8.00 -18.37
N LEU A 214 -22.47 6.95 -17.58
CA LEU A 214 -22.48 7.03 -16.14
C LEU A 214 -21.27 7.82 -15.62
N VAL A 215 -20.10 7.57 -16.20
CA VAL A 215 -18.86 8.28 -15.75
C VAL A 215 -18.88 9.76 -16.17
N GLN A 216 -19.31 10.01 -17.41
CA GLN A 216 -19.48 11.36 -17.96
C GLN A 216 -20.42 12.22 -17.10
N ASN A 217 -21.56 11.64 -16.67
CA ASN A 217 -22.41 12.28 -15.65
C ASN A 217 -21.63 12.69 -14.41
N ALA A 218 -20.82 11.77 -13.89
CA ALA A 218 -20.06 11.99 -12.67
C ALA A 218 -19.08 13.15 -12.85
N PHE A 219 -18.28 13.13 -13.91
CA PHE A 219 -17.26 14.17 -14.03
C PHE A 219 -17.77 15.53 -14.57
N PHE A 220 -19.01 15.56 -15.07
CA PHE A 220 -19.71 16.84 -15.30
C PHE A 220 -20.45 17.32 -14.06
N THR A 221 -20.94 16.40 -13.25
CA THR A 221 -21.49 16.75 -11.95
C THR A 221 -20.41 17.40 -11.05
N ASP A 222 -19.28 16.71 -10.90
CA ASP A 222 -18.12 17.25 -10.19
C ASP A 222 -16.84 17.09 -11.01
N PRO A 223 -16.50 18.11 -11.83
CA PRO A 223 -15.29 18.20 -12.64
C PRO A 223 -13.97 18.02 -11.91
N ASN A 224 -13.94 18.20 -10.60
CA ASN A 224 -12.73 17.99 -9.79
C ASN A 224 -12.64 16.57 -9.23
N ASP A 225 -13.66 15.75 -9.48
CA ASP A 225 -13.62 14.35 -9.07
C ASP A 225 -12.66 13.54 -9.93
N GLN A 226 -11.44 13.32 -9.43
CA GLN A 226 -10.45 12.65 -10.23
C GLN A 226 -10.77 11.18 -10.50
N SER A 227 -11.49 10.54 -9.59
CA SER A 227 -11.79 9.10 -9.72
C SER A 227 -12.54 8.76 -11.03
N ALA A 228 -13.45 9.62 -11.44
CA ALA A 228 -14.23 9.35 -12.63
C ALA A 228 -13.39 9.58 -13.90
N TRP A 229 -12.45 10.52 -13.83
CA TRP A 229 -11.55 10.76 -14.94
C TRP A 229 -10.58 9.61 -15.13
N PHE A 230 -10.12 9.04 -14.02
CA PHE A 230 -9.24 7.87 -14.05
C PHE A 230 -9.98 6.64 -14.60
N TYR A 231 -11.23 6.48 -14.19
CA TYR A 231 -12.07 5.38 -14.67
C TYR A 231 -12.43 5.58 -16.13
N HIS A 232 -12.77 6.82 -16.50
CA HIS A 232 -13.04 7.15 -17.88
C HIS A 232 -11.85 6.79 -18.79
N ARG A 233 -10.62 7.07 -18.37
CA ARG A 233 -9.47 6.69 -19.20
C ARG A 233 -9.39 5.18 -19.44
N TRP A 234 -9.71 4.39 -18.44
CA TRP A 234 -9.75 2.93 -18.64
C TRP A 234 -10.84 2.53 -19.66
N LEU A 235 -12.02 3.12 -19.54
CA LEU A 235 -13.12 2.84 -20.46
C LEU A 235 -12.72 3.13 -21.91
N LEU A 236 -12.04 4.25 -22.11
CA LEU A 236 -11.53 4.66 -23.43
C LEU A 236 -10.59 3.67 -24.06
N GLY A 237 -9.75 3.03 -23.26
CA GLY A 237 -8.93 1.93 -23.76
C GLY A 237 -9.69 0.60 -23.90
N ALA A 238 -10.73 0.39 -23.09
CA ALA A 238 -11.37 -0.92 -22.96
C ALA A 238 -12.39 -1.19 -24.08
N GLY A 239 -12.11 -0.70 -25.29
CA GLY A 239 -13.04 -0.81 -26.41
C GLY A 239 -12.44 -1.09 -27.77
N SER A 240 -13.25 -0.84 -28.81
CA SER A 240 -13.04 -1.39 -30.15
C SER A 240 -11.74 -0.95 -30.86
N GLY A 241 -11.61 0.34 -31.14
CA GLY A 241 -10.58 0.84 -32.06
C GLY A 241 -11.16 1.85 -33.03
N ARG A 242 -10.33 2.79 -33.49
CA ARG A 242 -10.78 4.04 -34.14
C ARG A 242 -11.34 3.87 -35.57
N CYS A 243 -10.78 2.92 -36.30
CA CYS A 243 -11.26 2.51 -37.63
C CYS A 243 -12.18 1.30 -37.46
N GLU A 244 -12.59 1.06 -36.22
CA GLU A 244 -13.59 0.09 -35.86
C GLU A 244 -14.75 0.77 -35.12
N LEU A 245 -14.79 2.11 -35.14
CA LEU A 245 -15.82 2.87 -34.41
C LEU A 245 -17.16 2.68 -35.10
N SER A 246 -18.17 2.22 -34.35
CA SER A 246 -19.56 2.22 -34.79
C SER A 246 -19.97 3.69 -35.01
N VAL A 247 -21.06 3.94 -35.74
CA VAL A 247 -21.56 5.32 -35.77
C VAL A 247 -21.98 5.79 -34.37
N GLU A 248 -22.43 4.87 -33.54
CA GLU A 248 -22.85 5.27 -32.21
C GLU A 248 -21.64 5.69 -31.35
N LYS A 249 -20.62 4.85 -31.31
CA LYS A 249 -19.43 5.15 -30.49
C LYS A 249 -18.77 6.43 -30.98
N SER A 250 -18.62 6.52 -32.30
CA SER A 250 -18.07 7.70 -32.92
C SER A 250 -18.84 8.93 -32.40
N THR A 251 -20.16 8.83 -32.40
CA THR A 251 -21.03 9.98 -32.09
C THR A 251 -20.91 10.31 -30.60
N VAL A 252 -20.96 9.28 -29.76
CA VAL A 252 -20.81 9.47 -28.30
C VAL A 252 -19.47 10.15 -27.94
N LEU A 253 -18.38 9.63 -28.47
CA LEU A 253 -17.03 10.20 -28.24
C LEU A 253 -16.88 11.63 -28.76
N GLN A 254 -17.47 11.90 -29.92
CA GLN A 254 -17.52 13.26 -30.44
C GLN A 254 -18.28 14.15 -29.48
N SER A 255 -19.39 13.62 -28.97
CA SER A 255 -20.23 14.39 -28.03
C SER A 255 -19.49 14.62 -26.71
N GLU A 256 -18.77 13.61 -26.27
CA GLU A 256 -17.85 13.77 -25.12
C GLU A 256 -16.80 14.84 -25.30
N LEU A 257 -16.20 14.89 -26.49
CA LEU A 257 -15.18 15.90 -26.82
C LEU A 257 -15.75 17.32 -26.69
N GLU A 258 -16.87 17.60 -27.36
CA GLU A 258 -17.51 18.92 -27.22
C GLU A 258 -17.91 19.23 -25.80
N SER A 259 -18.37 18.23 -25.06
CA SER A 259 -18.74 18.47 -23.66
C SER A 259 -17.55 18.83 -22.75
N CYS A 260 -16.39 18.21 -23.01
CA CYS A 260 -15.15 18.52 -22.29
C CYS A 260 -14.65 19.91 -22.65
N LYS A 261 -14.79 20.28 -23.91
CA LYS A 261 -14.43 21.64 -24.33
C LYS A 261 -15.35 22.66 -23.66
N GLU A 262 -16.63 22.33 -23.55
CA GLU A 262 -17.57 23.18 -22.81
C GLU A 262 -17.07 23.31 -21.37
N LEU A 263 -16.70 22.19 -20.77
CA LEU A 263 -16.14 22.18 -19.42
C LEU A 263 -14.92 23.10 -19.37
N GLN A 264 -13.99 22.91 -20.30
CA GLN A 264 -12.75 23.68 -20.36
C GLN A 264 -13.00 25.20 -20.45
N GLU A 265 -14.11 25.59 -21.09
CA GLU A 265 -14.59 26.99 -21.09
C GLU A 265 -14.87 27.43 -19.64
N LEU A 266 -15.64 26.65 -18.91
CA LEU A 266 -15.97 26.95 -17.52
C LEU A 266 -14.75 26.83 -16.59
N GLU A 267 -14.07 25.68 -16.62
CA GLU A 267 -12.96 25.41 -15.70
C GLU A 267 -11.63 25.38 -16.46
N PRO A 268 -11.03 26.57 -16.71
CA PRO A 268 -9.87 26.59 -17.59
C PRO A 268 -8.59 26.09 -16.92
N GLU A 269 -8.60 26.03 -15.60
CA GLU A 269 -7.49 25.46 -14.85
C GLU A 269 -7.66 23.93 -14.60
N ASN A 270 -8.73 23.31 -15.13
CA ASN A 270 -9.06 21.89 -14.87
C ASN A 270 -8.25 21.07 -15.85
N LYS A 271 -7.26 20.37 -15.30
CA LYS A 271 -6.29 19.68 -16.12
C LYS A 271 -6.86 18.36 -16.62
N TRP A 272 -7.77 17.77 -15.84
CA TRP A 272 -8.36 16.47 -16.17
C TRP A 272 -9.13 16.53 -17.48
N CYS A 273 -9.92 17.58 -17.64
CA CYS A 273 -10.75 17.69 -18.84
CA CYS A 273 -10.75 17.75 -18.82
C CYS A 273 -9.88 17.93 -20.07
N LEU A 274 -8.79 18.68 -19.92
CA LEU A 274 -7.81 18.88 -21.02
C LEU A 274 -7.11 17.62 -21.48
N LEU A 275 -6.62 16.86 -20.50
CA LEU A 275 -6.00 15.57 -20.80
C LEU A 275 -7.00 14.65 -21.51
N THR A 276 -8.25 14.65 -21.04
CA THR A 276 -9.30 13.79 -21.64
C THR A 276 -9.62 14.20 -23.08
N ILE A 277 -9.56 15.49 -23.37
CA ILE A 277 -9.77 15.96 -24.74
C ILE A 277 -8.73 15.35 -25.69
N ILE A 278 -7.48 15.32 -25.24
CA ILE A 278 -6.38 14.72 -26.02
C ILE A 278 -6.62 13.26 -26.21
N LEU A 279 -7.05 12.58 -25.15
CA LEU A 279 -7.27 11.13 -25.21
C LEU A 279 -8.48 10.77 -26.07
N LEU A 280 -9.51 11.60 -25.98
CA LEU A 280 -10.67 11.47 -26.86
C LEU A 280 -10.30 11.65 -28.34
N MET A 281 -9.57 12.71 -28.68
CA MET A 281 -9.04 12.90 -30.05
C MET A 281 -8.19 11.75 -30.57
N ARG A 282 -7.32 11.21 -29.72
CA ARG A 282 -6.59 9.98 -30.02
C ARG A 282 -7.50 8.81 -30.35
N ALA A 283 -8.56 8.70 -29.57
CA ALA A 283 -9.53 7.61 -29.65
C ALA A 283 -10.35 7.73 -30.95
N LEU A 284 -10.49 8.97 -31.43
CA LEU A 284 -11.26 9.27 -32.64
C LEU A 284 -10.44 9.18 -33.91
N ASP A 285 -9.38 10.01 -34.00
CA ASP A 285 -8.56 10.08 -35.19
C ASP A 285 -7.21 10.75 -34.94
N PRO A 286 -6.20 9.95 -34.57
CA PRO A 286 -4.91 10.57 -34.23
C PRO A 286 -4.39 11.60 -35.22
N LEU A 287 -4.34 11.27 -36.50
CA LEU A 287 -3.77 12.17 -37.54
C LEU A 287 -4.64 13.36 -37.86
N LEU A 288 -5.94 13.14 -38.02
CA LEU A 288 -6.85 14.25 -38.28
C LEU A 288 -6.82 15.33 -37.19
N TYR A 289 -6.64 14.88 -35.95
CA TYR A 289 -6.63 15.77 -34.79
C TYR A 289 -5.20 16.15 -34.31
N GLU A 290 -4.20 15.88 -35.15
CA GLU A 290 -2.79 16.11 -34.78
C GLU A 290 -2.48 17.53 -34.34
N LYS A 291 -2.94 18.53 -35.09
CA LYS A 291 -2.68 19.94 -34.72
C LYS A 291 -3.33 20.32 -33.40
N GLU A 292 -4.58 19.93 -33.19
CA GLU A 292 -5.30 20.30 -31.98
C GLU A 292 -4.68 19.60 -30.76
N THR A 293 -4.26 18.35 -30.95
CA THR A 293 -3.64 17.55 -29.88
C THR A 293 -2.41 18.27 -29.38
N LEU A 294 -1.61 18.78 -30.34
CA LEU A 294 -0.37 19.44 -30.01
C LEU A 294 -0.69 20.76 -29.30
N GLN A 295 -1.71 21.46 -29.79
CA GLN A 295 -2.22 22.67 -29.13
C GLN A 295 -2.61 22.34 -27.71
N TYR A 296 -3.32 21.24 -27.53
CA TYR A 296 -3.77 20.85 -26.20
C TYR A 296 -2.66 20.49 -25.20
N PHE A 297 -1.57 19.95 -25.71
CA PHE A 297 -0.42 19.65 -24.89
C PHE A 297 0.20 20.90 -24.31
N SER A 298 0.34 21.94 -25.11
CA SER A 298 0.92 23.20 -24.64
C SER A 298 0.10 23.82 -23.57
N THR A 299 -1.22 23.79 -23.76
CA THR A 299 -2.13 24.33 -22.76
C THR A 299 -2.08 23.50 -21.48
N LEU A 300 -2.23 22.19 -21.62
CA LEU A 300 -2.18 21.27 -20.48
C LEU A 300 -0.88 21.44 -19.66
N LYS A 301 0.27 21.50 -20.34
CA LYS A 301 1.53 21.71 -19.64
C LYS A 301 1.59 23.03 -18.87
N ALA A 302 0.93 24.08 -19.36
CA ALA A 302 0.88 25.36 -18.63
C ALA A 302 -0.07 25.28 -17.42
N VAL A 303 -1.14 24.52 -17.56
CA VAL A 303 -2.07 24.32 -16.50
C VAL A 303 -1.51 23.38 -15.42
N ASP A 304 -0.76 22.35 -15.82
CA ASP A 304 -0.35 21.28 -14.90
C ASP A 304 1.16 21.03 -15.01
N PRO A 305 1.98 22.03 -14.63
CA PRO A 305 3.43 21.96 -14.83
C PRO A 305 4.17 20.84 -14.07
N MET A 306 3.69 20.37 -12.92
CA MET A 306 4.39 19.27 -12.25
C MET A 306 4.50 18.02 -13.14
N ARG A 307 3.59 17.91 -14.11
CA ARG A 307 3.42 16.77 -14.97
C ARG A 307 3.99 17.00 -16.35
N ALA A 308 4.83 18.02 -16.50
CA ALA A 308 5.27 18.43 -17.81
C ALA A 308 6.10 17.28 -18.41
N ALA A 309 6.88 16.60 -17.57
CA ALA A 309 7.76 15.53 -18.02
C ALA A 309 6.91 14.37 -18.54
N TYR A 310 5.88 14.01 -17.78
CA TYR A 310 4.94 12.97 -18.20
C TYR A 310 4.31 13.30 -19.53
N LEU A 311 3.78 14.51 -19.59
CA LEU A 311 3.08 15.02 -20.77
C LEU A 311 3.92 15.11 -22.05
N ASP A 312 5.16 15.53 -21.93
CA ASP A 312 6.12 15.41 -23.03
C ASP A 312 6.38 13.97 -23.44
N ASP A 313 6.51 13.04 -22.49
CA ASP A 313 6.72 11.64 -22.88
C ASP A 313 5.48 11.02 -23.59
N LEU A 314 4.29 11.38 -23.12
CA LEU A 314 3.02 10.98 -23.76
C LEU A 314 2.89 11.58 -25.16
N ARG A 315 3.16 12.87 -25.28
CA ARG A 315 3.17 13.49 -26.58
C ARG A 315 4.16 12.82 -27.54
N SER A 316 5.36 12.47 -27.06
CA SER A 316 6.36 11.79 -27.91
C SER A 316 5.91 10.41 -28.34
N LYS A 317 5.26 9.70 -27.45
CA LYS A 317 4.69 8.42 -27.75
C LYS A 317 3.68 8.59 -28.88
N PHE A 318 2.88 9.65 -28.77
CA PHE A 318 1.80 9.91 -29.73
C PHE A 318 2.35 10.36 -31.06
N LEU A 319 3.30 11.26 -31.06
CA LEU A 319 4.01 11.65 -32.30
C LEU A 319 4.61 10.47 -33.04
N LEU A 320 5.16 9.53 -32.29
CA LEU A 320 5.71 8.31 -32.83
C LEU A 320 4.62 7.47 -33.49
N GLU A 321 3.54 7.20 -32.76
CA GLU A 321 2.37 6.50 -33.31
C GLU A 321 1.84 7.16 -34.60
N ASN A 322 1.84 8.48 -34.64
CA ASN A 322 1.43 9.25 -35.80
C ASN A 322 2.38 9.07 -37.00
N SER A 323 3.65 8.82 -36.71
CA SER A 323 4.64 8.54 -37.75
C SER A 323 4.41 7.15 -38.31
N VAL A 324 4.07 6.22 -37.44
CA VAL A 324 3.77 4.87 -37.86
C VAL A 324 2.49 4.83 -38.70
N LEU A 325 1.47 5.62 -38.33
CA LEU A 325 0.21 5.70 -39.10
C LEU A 325 0.41 6.35 -40.48
N LYS A 326 1.29 7.33 -40.57
CA LYS A 326 1.54 8.01 -41.84
C LYS A 326 2.33 7.12 -42.81
N MET A 327 3.32 6.40 -42.28
CA MET A 327 4.07 5.36 -43.02
C MET A 327 3.16 4.25 -43.53
N GLU A 328 2.16 3.86 -42.73
CA GLU A 328 1.18 2.86 -43.17
C GLU A 328 0.39 3.27 -44.42
N TYR A 329 0.51 4.53 -44.83
CA TYR A 329 -0.17 5.01 -46.05
C TYR A 329 0.17 4.23 -47.30
N ALA A 330 -0.86 3.67 -47.93
CA ALA A 330 -0.77 3.12 -49.29
C ALA A 330 -0.53 4.24 -50.31
N GLN B 4 -7.40 17.65 -4.07
CA GLN B 4 -7.55 19.01 -3.50
C GLN B 4 -7.03 19.11 -2.06
N LYS B 5 -7.21 18.04 -1.27
CA LYS B 5 -6.57 17.98 0.04
C LYS B 5 -5.05 18.07 -0.15
N ASP B 6 -4.42 18.92 0.64
CA ASP B 6 -2.98 19.06 0.61
C ASP B 6 -2.56 19.78 1.88
N VAL B 7 -1.26 19.83 2.14
CA VAL B 7 -0.70 20.66 3.20
C VAL B 7 -0.17 21.93 2.55
N THR B 8 -0.14 23.01 3.32
CA THR B 8 0.58 24.20 2.93
C THR B 8 1.86 24.23 3.74
N ILE B 9 2.99 24.35 3.07
CA ILE B 9 4.26 24.39 3.79
C ILE B 9 4.48 25.80 4.33
N LYS B 10 4.63 25.90 5.66
CA LYS B 10 4.98 27.18 6.31
C LYS B 10 6.37 27.64 5.84
N SER B 11 6.54 28.95 5.67
CA SER B 11 7.71 29.48 4.95
C SER B 11 9.04 29.44 5.75
N ASP B 12 8.95 29.14 7.06
CA ASP B 12 10.15 28.93 7.88
C ASP B 12 10.51 27.44 8.00
N ALA B 13 9.88 26.62 7.16
CA ALA B 13 10.13 25.18 7.15
C ALA B 13 11.62 24.92 6.85
N PRO B 14 12.19 23.83 7.37
CA PRO B 14 13.59 23.46 7.05
C PRO B 14 13.81 23.21 5.55
N ASP B 15 14.91 23.74 5.02
CA ASP B 15 15.19 23.69 3.58
C ASP B 15 16.63 23.29 3.32
N THR B 16 17.21 22.59 4.28
CA THR B 16 18.60 22.15 4.27
C THR B 16 18.58 20.77 4.91
N LEU B 17 19.55 19.93 4.57
CA LEU B 17 19.61 18.57 5.09
C LEU B 17 20.36 18.50 6.43
N LEU B 18 19.62 18.19 7.48
CA LEU B 18 20.14 18.16 8.86
C LEU B 18 20.71 16.78 9.23
N LEU B 19 21.67 16.32 8.43
CA LEU B 19 22.15 14.93 8.50
C LEU B 19 22.69 14.57 9.88
N GLU B 20 23.45 15.50 10.47
CA GLU B 20 24.10 15.26 11.77
C GLU B 20 23.06 15.12 12.87
N LYS B 21 22.01 15.93 12.81
CA LYS B 21 20.86 15.80 13.72
C LYS B 21 20.11 14.45 13.61
N HIS B 22 19.91 13.96 12.37
CA HIS B 22 19.21 12.67 12.17
C HIS B 22 20.06 11.55 12.72
N ALA B 23 21.37 11.62 12.51
CA ALA B 23 22.29 10.64 13.05
C ALA B 23 22.18 10.56 14.57
N ASP B 24 22.01 11.72 15.22
CA ASP B 24 21.93 11.77 16.69
C ASP B 24 20.61 11.22 17.16
N TYR B 25 19.55 11.60 16.46
CA TYR B 25 18.21 11.13 16.80
C TYR B 25 18.14 9.60 16.82
N ILE B 26 18.72 8.98 15.80
CA ILE B 26 18.71 7.52 15.64
C ILE B 26 19.76 6.83 16.52
N ALA B 27 20.96 7.41 16.61
CA ALA B 27 22.01 6.93 17.51
C ALA B 27 21.49 6.72 18.93
N SER B 28 20.64 7.64 19.38
CA SER B 28 20.09 7.67 20.73
C SER B 28 18.77 6.93 20.91
N TYR B 29 18.01 6.77 19.83
CA TYR B 29 16.70 6.14 19.90
C TYR B 29 16.77 4.74 20.55
N GLY B 30 15.89 4.49 21.52
CA GLY B 30 15.93 3.24 22.30
C GLY B 30 16.87 3.22 23.49
N SER B 31 17.11 4.41 24.07
CA SER B 31 17.87 4.55 25.32
C SER B 31 16.90 4.66 26.50
N ASP B 34 12.84 4.43 30.40
CA ASP B 34 11.78 3.89 29.53
C ASP B 34 11.47 4.88 28.39
N ASP B 35 10.37 4.63 27.67
CA ASP B 35 9.88 5.53 26.61
C ASP B 35 8.57 4.96 26.08
N TYR B 36 7.55 5.81 25.94
CA TYR B 36 6.19 5.35 25.64
C TYR B 36 6.07 4.62 24.28
N GLU B 37 6.14 5.36 23.17
CA GLU B 37 6.00 4.79 21.82
C GLU B 37 6.94 3.60 21.60
N TYR B 38 8.12 3.66 22.21
CA TYR B 38 9.12 2.60 22.11
C TYR B 38 8.60 1.26 22.65
N CYS B 39 8.18 1.23 23.91
CA CYS B 39 7.71 0.00 24.53
C CYS B 39 6.42 -0.49 23.86
N MET B 40 5.62 0.48 23.38
CA MET B 40 4.37 0.20 22.69
C MET B 40 4.59 -0.33 21.27
N SER B 41 5.81 -0.18 20.76
CA SER B 41 6.20 -0.62 19.44
C SER B 41 7.06 -1.88 19.47
N GLU B 42 6.97 -2.63 20.57
CA GLU B 42 7.75 -3.85 20.75
C GLU B 42 7.37 -4.91 19.70
N TYR B 43 6.07 -4.97 19.37
CA TYR B 43 5.54 -5.87 18.33
C TYR B 43 6.13 -5.66 16.92
N LEU B 44 6.87 -4.58 16.72
CA LEU B 44 7.58 -4.36 15.45
C LEU B 44 9.07 -4.11 15.61
N ARG B 45 9.63 -4.44 16.77
CA ARG B 45 11.02 -4.05 17.08
C ARG B 45 12.00 -4.37 15.96
N MET B 46 11.97 -5.60 15.49
CA MET B 46 12.89 -6.03 14.42
C MET B 46 12.94 -5.07 13.24
N SER B 47 11.79 -4.50 12.89
CA SER B 47 11.67 -3.61 11.72
C SER B 47 12.12 -2.20 12.06
N GLY B 48 11.79 -1.76 13.27
CA GLY B 48 12.42 -0.54 13.87
C GLY B 48 13.93 -0.57 13.83
N VAL B 49 14.49 -1.73 14.19
CA VAL B 49 15.95 -1.95 14.16
C VAL B 49 16.45 -1.88 12.72
N TYR B 50 15.74 -2.54 11.79
CA TYR B 50 16.05 -2.38 10.34
C TYR B 50 15.97 -0.90 9.90
N TRP B 51 14.95 -0.17 10.33
CA TRP B 51 14.83 1.24 9.90
C TRP B 51 16.02 2.08 10.40
N GLY B 52 16.30 2.00 11.70
CA GLY B 52 17.45 2.70 12.32
C GLY B 52 18.79 2.37 11.70
N LEU B 53 19.11 1.09 11.63
CA LEU B 53 20.41 0.69 11.08
C LEU B 53 20.57 1.08 9.63
N THR B 54 19.52 0.87 8.85
CA THR B 54 19.57 1.21 7.42
C THR B 54 19.83 2.68 7.18
N VAL B 55 19.10 3.54 7.87
CA VAL B 55 19.23 4.99 7.68
C VAL B 55 20.63 5.47 8.13
N MET B 56 21.10 4.94 9.27
CA MET B 56 22.44 5.22 9.75
C MET B 56 23.46 4.86 8.68
N ASP B 57 23.38 3.64 8.16
CA ASP B 57 24.34 3.20 7.16
C ASP B 57 24.31 4.07 5.90
N LEU B 58 23.11 4.55 5.54
CA LEU B 58 22.97 5.44 4.38
C LEU B 58 23.61 6.79 4.63
N MET B 59 23.67 7.21 5.91
CA MET B 59 24.35 8.46 6.29
C MET B 59 25.82 8.21 6.65
N GLY B 60 26.33 7.01 6.35
CA GLY B 60 27.67 6.59 6.79
C GLY B 60 27.88 6.41 8.31
N GLN B 61 26.79 6.39 9.09
CA GLN B 61 26.85 6.35 10.55
C GLN B 61 26.53 5.01 11.24
N LEU B 62 26.61 3.89 10.52
CA LEU B 62 26.21 2.59 11.09
C LEU B 62 27.07 2.19 12.31
N HIS B 63 28.37 2.50 12.24
CA HIS B 63 29.35 2.13 13.31
C HIS B 63 28.93 2.59 14.68
N ARG B 64 28.17 3.68 14.76
CA ARG B 64 27.63 4.19 16.02
C ARG B 64 26.51 3.31 16.65
N MET B 65 26.08 2.27 15.94
CA MET B 65 25.07 1.34 16.42
C MET B 65 25.76 0.07 16.96
N ASN B 66 25.05 -0.74 17.74
CA ASN B 66 25.65 -1.91 18.35
C ASN B 66 25.43 -3.22 17.59
N LYS B 67 26.40 -3.56 16.74
CA LYS B 67 26.36 -4.78 15.92
C LYS B 67 26.17 -6.05 16.76
N GLU B 68 27.14 -6.32 17.65
CA GLU B 68 27.14 -7.51 18.51
C GLU B 68 25.79 -7.74 19.20
N GLU B 69 25.24 -6.66 19.73
CA GLU B 69 24.02 -6.70 20.49
C GLU B 69 22.80 -7.10 19.61
N ILE B 70 22.71 -6.46 18.44
CA ILE B 70 21.65 -6.77 17.47
C ILE B 70 21.80 -8.19 16.92
N LEU B 71 23.03 -8.66 16.73
CA LEU B 71 23.22 -10.03 16.20
C LEU B 71 22.68 -11.09 17.18
N VAL B 72 22.95 -10.89 18.46
CA VAL B 72 22.42 -11.74 19.52
C VAL B 72 20.90 -11.68 19.54
N PHE B 73 20.38 -10.46 19.48
CA PHE B 73 18.93 -10.22 19.47
C PHE B 73 18.20 -10.96 18.30
N ILE B 74 18.74 -10.82 17.10
CA ILE B 74 18.22 -11.48 15.91
C ILE B 74 18.20 -12.99 16.11
N LYS B 75 19.31 -13.55 16.58
CA LYS B 75 19.39 -15.01 16.78
C LYS B 75 18.31 -15.53 17.72
N SER B 76 18.04 -14.79 18.77
CA SER B 76 17.05 -15.19 19.78
CA SER B 76 17.05 -15.16 19.78
C SER B 76 15.60 -14.94 19.30
N CYS B 77 15.46 -14.39 18.10
CA CYS B 77 14.15 -14.14 17.52
C CYS B 77 13.83 -15.19 16.47
N GLN B 78 14.81 -16.01 16.07
CA GLN B 78 14.51 -17.11 15.13
C GLN B 78 13.85 -18.25 15.90
N HIS B 79 12.66 -18.65 15.46
CA HIS B 79 11.92 -19.76 16.07
C HIS B 79 12.28 -21.08 15.42
N GLU B 80 11.73 -22.16 15.98
CA GLU B 80 12.12 -23.50 15.57
C GLU B 80 11.63 -23.85 14.18
N CYS B 81 10.55 -23.21 13.74
CA CYS B 81 10.07 -23.34 12.35
C CYS B 81 10.95 -22.62 11.33
N GLY B 82 11.83 -21.73 11.80
CA GLY B 82 12.73 -20.99 10.95
C GLY B 82 12.38 -19.52 10.78
N GLY B 83 11.11 -19.18 10.94
CA GLY B 83 10.67 -17.79 10.84
C GLY B 83 11.20 -16.96 11.98
N VAL B 84 11.23 -15.65 11.78
CA VAL B 84 11.75 -14.73 12.76
C VAL B 84 10.62 -13.83 13.25
N SER B 85 10.59 -13.57 14.56
CA SER B 85 9.62 -12.70 15.21
C SER B 85 10.16 -11.28 15.37
N ALA B 86 9.26 -10.34 15.65
CA ALA B 86 9.62 -8.96 15.78
C ALA B 86 10.46 -8.78 17.04
N SER B 87 10.18 -9.61 18.03
CA SER B 87 10.86 -9.51 19.30
C SER B 87 10.82 -10.87 19.98
N ILE B 88 11.59 -10.99 21.06
CA ILE B 88 11.76 -12.24 21.78
C ILE B 88 10.45 -12.54 22.47
N GLY B 89 9.92 -13.73 22.19
CA GLY B 89 8.65 -14.11 22.74
C GLY B 89 7.48 -13.90 21.78
N HIS B 90 7.62 -12.96 20.84
CA HIS B 90 6.57 -12.73 19.85
C HIS B 90 6.61 -13.81 18.80
N ASP B 91 5.59 -13.86 17.93
CA ASP B 91 5.45 -14.97 16.97
C ASP B 91 6.18 -14.65 15.68
N PRO B 92 6.68 -15.67 14.97
CA PRO B 92 7.41 -15.46 13.72
C PRO B 92 6.47 -14.90 12.63
N HIS B 93 7.02 -14.12 11.70
CA HIS B 93 6.21 -13.57 10.62
C HIS B 93 7.14 -13.18 9.49
N LEU B 94 6.61 -13.20 8.26
CA LEU B 94 7.40 -12.83 7.08
C LEU B 94 7.97 -11.44 7.15
N LEU B 95 7.24 -10.53 7.75
CA LEU B 95 7.66 -9.14 7.81
C LEU B 95 8.98 -9.01 8.58
N TYR B 96 9.06 -9.69 9.72
CA TYR B 96 10.22 -9.61 10.60
C TYR B 96 11.28 -10.55 10.13
N THR B 97 10.90 -11.62 9.43
CA THR B 97 11.89 -12.46 8.74
C THR B 97 12.64 -11.62 7.68
N LEU B 98 11.92 -10.83 6.89
CA LEU B 98 12.57 -9.94 5.95
C LEU B 98 13.49 -8.94 6.68
N SER B 99 12.94 -8.22 7.64
CA SER B 99 13.73 -7.24 8.39
C SER B 99 15.02 -7.78 8.98
N ALA B 100 14.98 -8.98 9.55
CA ALA B 100 16.14 -9.63 10.14
C ALA B 100 17.18 -9.94 9.07
N VAL B 101 16.73 -10.55 7.97
CA VAL B 101 17.58 -10.86 6.84
C VAL B 101 18.14 -9.57 6.23
N GLN B 102 17.35 -8.50 6.23
CA GLN B 102 17.90 -7.22 5.75
C GLN B 102 19.02 -6.71 6.69
N ILE B 103 18.84 -6.86 8.00
CA ILE B 103 19.84 -6.40 8.98
C ILE B 103 21.08 -7.23 8.83
N LEU B 104 20.93 -8.55 8.73
CA LEU B 104 22.12 -9.41 8.68
C LEU B 104 22.91 -9.19 7.40
N THR B 105 22.21 -8.71 6.37
CA THR B 105 22.86 -8.39 5.10
C THR B 105 23.67 -7.09 5.19
N LEU B 106 23.16 -6.07 5.89
CA LEU B 106 23.92 -4.85 6.17
C LEU B 106 25.20 -5.19 6.95
N TYR B 107 25.09 -6.14 7.85
CA TYR B 107 26.18 -6.57 8.70
C TYR B 107 27.04 -7.70 8.14
N ASP B 108 26.69 -8.23 6.97
CA ASP B 108 27.37 -9.42 6.43
C ASP B 108 27.48 -10.54 7.49
N SER B 109 26.36 -10.86 8.15
CA SER B 109 26.31 -11.85 9.22
C SER B 109 25.10 -12.78 9.07
N ILE B 110 24.79 -13.15 7.83
CA ILE B 110 23.62 -13.96 7.56
C ILE B 110 23.66 -15.32 8.26
N HIS B 111 24.86 -15.81 8.54
CA HIS B 111 24.89 -17.10 9.23
CA HIS B 111 25.15 -17.06 9.28
C HIS B 111 24.76 -17.01 10.75
N VAL B 112 24.56 -15.80 11.27
CA VAL B 112 24.03 -15.67 12.63
C VAL B 112 22.69 -16.45 12.79
N ILE B 113 21.93 -16.64 11.70
CA ILE B 113 20.74 -17.48 11.77
C ILE B 113 20.86 -18.68 10.87
N ASN B 114 19.91 -19.60 11.05
CA ASN B 114 19.83 -20.79 10.23
C ASN B 114 19.11 -20.47 8.92
N VAL B 115 19.92 -20.26 7.89
CA VAL B 115 19.43 -19.87 6.58
C VAL B 115 18.57 -20.96 5.94
N ASP B 116 18.96 -22.23 6.08
CA ASP B 116 18.17 -23.33 5.54
C ASP B 116 16.74 -23.36 6.10
N LYS B 117 16.61 -23.01 7.38
CA LYS B 117 15.31 -22.95 8.06
C LYS B 117 14.51 -21.68 7.74
N VAL B 118 15.17 -20.57 7.48
CA VAL B 118 14.47 -19.38 6.98
C VAL B 118 13.84 -19.69 5.64
N VAL B 119 14.65 -20.22 4.72
CA VAL B 119 14.16 -20.64 3.41
C VAL B 119 12.98 -21.60 3.51
N ALA B 120 13.11 -22.63 4.34
CA ALA B 120 12.04 -23.59 4.54
C ALA B 120 10.80 -22.92 5.07
N TYR B 121 10.96 -22.03 6.04
CA TYR B 121 9.83 -21.26 6.55
C TYR B 121 9.10 -20.46 5.44
N VAL B 122 9.84 -19.72 4.64
CA VAL B 122 9.23 -18.89 3.58
C VAL B 122 8.48 -19.81 2.59
N GLN B 123 9.17 -20.88 2.19
CA GLN B 123 8.68 -21.84 1.23
C GLN B 123 7.36 -22.41 1.71
N SER B 124 7.25 -22.66 3.02
CA SER B 124 6.06 -23.22 3.66
C SER B 124 4.86 -22.30 3.61
N LEU B 125 5.07 -21.01 3.38
CA LEU B 125 3.97 -20.05 3.49
C LEU B 125 3.27 -19.80 2.16
N GLN B 126 3.79 -20.38 1.07
CA GLN B 126 3.23 -20.20 -0.25
C GLN B 126 2.05 -21.13 -0.44
N LYS B 127 1.02 -20.60 -1.10
CA LYS B 127 -0.23 -21.28 -1.24
C LYS B 127 -0.32 -21.78 -2.66
N GLU B 128 -1.37 -22.53 -2.98
CA GLU B 128 -1.46 -23.20 -4.28
C GLU B 128 -1.58 -22.21 -5.42
N ASP B 129 -2.20 -21.06 -5.15
CA ASP B 129 -2.35 -20.04 -6.19
C ASP B 129 -1.09 -19.19 -6.35
N GLY B 130 -0.06 -19.51 -5.57
CA GLY B 130 1.20 -18.80 -5.64
C GLY B 130 1.35 -17.67 -4.63
N SER B 131 0.24 -17.29 -4.00
CA SER B 131 0.27 -16.29 -2.97
C SER B 131 1.09 -16.74 -1.75
N PHE B 132 1.42 -15.78 -0.89
CA PHE B 132 2.01 -16.08 0.40
C PHE B 132 1.18 -15.58 1.55
N ALA B 133 1.06 -16.43 2.58
CA ALA B 133 0.50 -16.04 3.86
C ALA B 133 1.61 -15.34 4.62
N GLY B 134 1.24 -14.54 5.62
CA GLY B 134 2.21 -13.76 6.36
C GLY B 134 2.86 -14.60 7.42
N ASP B 135 2.09 -15.57 7.88
CA ASP B 135 2.49 -16.49 8.93
C ASP B 135 1.48 -17.62 8.91
N ILE B 136 1.53 -18.50 9.92
CA ILE B 136 0.65 -19.67 9.97
C ILE B 136 -0.85 -19.37 10.07
N TRP B 137 -1.21 -18.11 10.34
CA TRP B 137 -2.61 -17.79 10.50
C TRP B 137 -3.30 -17.31 9.23
N GLY B 138 -2.58 -17.36 8.10
CA GLY B 138 -3.20 -17.39 6.78
C GLY B 138 -3.59 -16.07 6.13
N GLU B 139 -3.17 -14.92 6.66
CA GLU B 139 -3.47 -13.66 5.97
C GLU B 139 -2.71 -13.60 4.65
N ILE B 140 -3.44 -13.38 3.54
CA ILE B 140 -2.85 -13.29 2.20
C ILE B 140 -2.71 -11.82 1.75
N ASP B 141 -1.52 -11.43 1.34
CA ASP B 141 -1.27 -10.07 0.94
C ASP B 141 -0.04 -10.06 0.04
N THR B 142 -0.11 -9.35 -1.07
CA THR B 142 1.00 -9.22 -1.97
C THR B 142 2.24 -8.60 -1.23
N ARG B 143 2.02 -7.92 -0.11
CA ARG B 143 3.14 -7.48 0.77
C ARG B 143 4.00 -8.67 1.10
N PHE B 144 3.34 -9.80 1.37
CA PHE B 144 4.03 -11.03 1.76
C PHE B 144 4.69 -11.73 0.61
N SER B 145 4.14 -11.57 -0.59
CA SER B 145 4.78 -12.02 -1.82
C SER B 145 6.11 -11.26 -1.94
N PHE B 146 6.09 -9.96 -1.73
CA PHE B 146 7.35 -9.19 -1.69
C PHE B 146 8.32 -9.65 -0.60
N CYS B 147 7.83 -9.78 0.63
CA CYS B 147 8.69 -10.21 1.75
C CYS B 147 9.36 -11.54 1.47
N ALA B 148 8.61 -12.47 0.88
CA ALA B 148 9.13 -13.79 0.60
C ALA B 148 10.28 -13.72 -0.40
N VAL B 149 10.07 -13.10 -1.55
CA VAL B 149 11.13 -13.06 -2.58
C VAL B 149 12.30 -12.09 -2.26
N ALA B 150 12.00 -11.00 -1.57
CA ALA B 150 13.02 -10.10 -1.07
C ALA B 150 13.97 -10.89 -0.11
N THR B 151 13.37 -11.60 0.83
CA THR B 151 14.09 -12.48 1.71
C THR B 151 14.88 -13.54 0.95
N LEU B 152 14.26 -14.27 0.06
CA LEU B 152 14.98 -15.33 -0.62
C LEU B 152 16.09 -14.78 -1.55
N ALA B 153 15.89 -13.61 -2.14
CA ALA B 153 16.88 -13.01 -3.04
C ALA B 153 18.13 -12.59 -2.25
N LEU B 154 17.96 -11.94 -1.10
CA LEU B 154 19.09 -11.58 -0.25
C LEU B 154 19.83 -12.85 0.22
N LEU B 155 19.11 -13.96 0.34
CA LEU B 155 19.75 -15.23 0.70
C LEU B 155 20.26 -16.05 -0.45
N GLY B 156 20.04 -15.58 -1.68
CA GLY B 156 20.35 -16.38 -2.88
C GLY B 156 19.53 -17.65 -3.09
N LYS B 157 18.31 -17.64 -2.53
CA LYS B 157 17.50 -18.83 -2.53
C LYS B 157 16.14 -18.60 -3.20
N LEU B 158 16.09 -17.74 -4.21
CA LEU B 158 14.81 -17.45 -4.89
C LEU B 158 14.21 -18.71 -5.47
N ASP B 159 15.06 -19.61 -5.92
CA ASP B 159 14.61 -20.86 -6.53
C ASP B 159 13.87 -21.75 -5.56
N ALA B 160 13.88 -21.41 -4.30
CA ALA B 160 13.22 -22.25 -3.31
C ALA B 160 11.68 -22.21 -3.41
N ILE B 161 11.12 -21.17 -4.05
CA ILE B 161 9.68 -21.06 -4.14
C ILE B 161 9.18 -21.28 -5.54
N ASN B 162 7.87 -21.43 -5.69
CA ASN B 162 7.26 -21.56 -7.00
C ASN B 162 7.13 -20.17 -7.64
N VAL B 163 8.06 -19.79 -8.49
CA VAL B 163 8.18 -18.39 -8.88
C VAL B 163 7.08 -17.99 -9.89
N GLU B 164 6.82 -18.86 -10.85
CA GLU B 164 5.79 -18.65 -11.83
C GLU B 164 4.41 -18.50 -11.19
N LYS B 165 4.09 -19.38 -10.25
CA LYS B 165 2.84 -19.22 -9.54
C LYS B 165 2.85 -17.95 -8.70
N ALA B 166 4.02 -17.61 -8.16
CA ALA B 166 4.14 -16.38 -7.38
C ALA B 166 3.86 -15.20 -8.28
N ILE B 167 4.42 -15.23 -9.48
CA ILE B 167 4.21 -14.16 -10.47
C ILE B 167 2.75 -14.05 -10.90
N GLU B 168 2.15 -15.20 -11.21
CA GLU B 168 0.76 -15.27 -11.63
C GLU B 168 -0.15 -14.62 -10.58
N PHE B 169 0.07 -14.91 -9.31
CA PHE B 169 -0.76 -14.35 -8.26
C PHE B 169 -0.64 -12.83 -8.19
N VAL B 170 0.57 -12.30 -8.28
CA VAL B 170 0.81 -10.86 -8.15
C VAL B 170 0.18 -10.14 -9.33
N LEU B 171 0.33 -10.67 -10.54
CA LEU B 171 -0.25 -10.03 -11.73
C LEU B 171 -1.76 -10.08 -11.70
N SER B 172 -2.33 -11.04 -11.01
CA SER B 172 -3.75 -11.17 -10.81
C SER B 172 -4.29 -10.11 -9.85
N CYS B 173 -3.39 -9.42 -9.17
CA CYS B 173 -3.75 -8.29 -8.30
C CYS B 173 -3.53 -6.95 -9.04
N MET B 174 -3.27 -7.00 -10.33
CA MET B 174 -3.10 -5.78 -11.12
C MET B 174 -4.47 -5.26 -11.52
N ASN B 175 -4.64 -3.94 -11.49
CA ASN B 175 -5.95 -3.32 -11.54
C ASN B 175 -6.06 -2.48 -12.79
N PHE B 176 -7.24 -1.92 -13.01
CA PHE B 176 -7.61 -1.10 -14.19
C PHE B 176 -6.74 0.10 -14.41
N ASP B 177 -6.22 0.64 -13.30
CA ASP B 177 -5.40 1.85 -13.27
C ASP B 177 -3.90 1.60 -13.38
N GLY B 178 -3.49 0.35 -13.62
CA GLY B 178 -2.07 0.00 -13.77
C GLY B 178 -1.46 -0.44 -12.45
N GLY B 179 -2.19 -0.22 -11.36
CA GLY B 179 -1.68 -0.49 -10.00
C GLY B 179 -1.96 -1.89 -9.51
N PHE B 180 -1.72 -2.10 -8.24
CA PHE B 180 -1.81 -3.42 -7.60
C PHE B 180 -2.47 -3.31 -6.24
N GLY B 181 -3.18 -4.35 -5.87
CA GLY B 181 -3.78 -4.49 -4.52
C GLY B 181 -3.21 -5.61 -3.67
N CYS B 182 -3.73 -5.75 -2.45
CA CYS B 182 -3.36 -6.80 -1.49
CA CYS B 182 -3.23 -6.79 -1.56
C CYS B 182 -3.59 -8.19 -2.03
N ARG B 183 -4.73 -8.32 -2.70
CA ARG B 183 -5.32 -9.58 -3.10
C ARG B 183 -6.13 -9.29 -4.33
N PRO B 184 -6.45 -10.33 -5.13
CA PRO B 184 -7.25 -10.10 -6.33
C PRO B 184 -8.53 -9.26 -6.05
N GLY B 185 -8.68 -8.20 -6.82
CA GLY B 185 -9.83 -7.30 -6.63
C GLY B 185 -9.63 -6.12 -5.69
N SER B 186 -8.49 -6.05 -5.01
CA SER B 186 -8.23 -4.94 -4.10
C SER B 186 -7.71 -3.73 -4.84
N GLU B 187 -8.10 -2.58 -4.32
CA GLU B 187 -7.80 -1.30 -4.90
C GLU B 187 -6.31 -0.99 -4.83
N SER B 188 -5.86 -0.27 -5.82
CA SER B 188 -4.46 0.18 -5.88
C SER B 188 -4.10 1.16 -4.79
N HIS B 189 -2.94 1.01 -4.19
CA HIS B 189 -2.39 2.14 -3.43
C HIS B 189 -0.89 2.05 -3.34
N ALA B 190 -0.26 3.16 -2.97
CA ALA B 190 1.19 3.30 -3.07
C ALA B 190 1.96 2.16 -2.44
N GLY B 191 1.62 1.77 -1.22
CA GLY B 191 2.41 0.79 -0.46
C GLY B 191 2.37 -0.55 -1.15
N GLN B 192 1.20 -0.86 -1.69
CA GLN B 192 0.97 -2.12 -2.40
C GLN B 192 1.65 -2.16 -3.73
N ILE B 193 1.57 -1.05 -4.45
CA ILE B 193 2.31 -0.89 -5.70
C ILE B 193 3.81 -1.07 -5.50
N TYR B 194 4.36 -0.45 -4.45
CA TYR B 194 5.79 -0.65 -4.11
C TYR B 194 6.13 -2.12 -3.93
N CYS B 195 5.36 -2.82 -3.12
CA CYS B 195 5.59 -4.24 -2.88
CA CYS B 195 5.69 -4.21 -2.88
C CYS B 195 5.55 -5.02 -4.17
N CYS B 196 4.54 -4.76 -5.00
CA CYS B 196 4.40 -5.55 -6.23
C CYS B 196 5.39 -5.18 -7.30
N THR B 197 5.76 -3.91 -7.40
CA THR B 197 6.78 -3.57 -8.37
C THR B 197 8.13 -4.08 -7.92
N GLY B 198 8.42 -3.98 -6.64
CA GLY B 198 9.63 -4.63 -6.07
C GLY B 198 9.67 -6.13 -6.35
N PHE B 199 8.56 -6.80 -6.10
CA PHE B 199 8.42 -8.23 -6.42
C PHE B 199 8.73 -8.54 -7.86
N LEU B 200 8.14 -7.78 -8.78
CA LEU B 200 8.39 -7.99 -10.18
C LEU B 200 9.79 -7.61 -10.62
N ALA B 201 10.42 -6.66 -9.95
CA ALA B 201 11.86 -6.38 -10.22
C ALA B 201 12.72 -7.61 -9.91
N ILE B 202 12.57 -8.12 -8.71
CA ILE B 202 13.27 -9.31 -8.21
C ILE B 202 13.04 -10.56 -9.06
N THR B 203 11.84 -10.74 -9.58
CA THR B 203 11.52 -11.90 -10.39
C THR B 203 11.66 -11.67 -11.88
N SER B 204 12.22 -10.52 -12.27
CA SER B 204 12.47 -10.23 -13.67
C SER B 204 11.21 -10.18 -14.57
N GLN B 205 10.16 -9.52 -14.07
CA GLN B 205 8.88 -9.45 -14.76
C GLN B 205 8.39 -8.03 -14.99
N LEU B 206 9.25 -7.03 -14.94
CA LEU B 206 8.77 -5.65 -15.07
C LEU B 206 8.20 -5.34 -16.46
N HIS B 207 8.45 -6.23 -17.42
CA HIS B 207 7.91 -6.05 -18.75
C HIS B 207 6.39 -6.24 -18.71
N GLN B 208 5.88 -6.90 -17.65
CA GLN B 208 4.45 -7.15 -17.54
C GLN B 208 3.67 -6.02 -16.87
N VAL B 209 4.38 -5.00 -16.39
CA VAL B 209 3.79 -3.79 -15.85
C VAL B 209 3.47 -2.83 -17.01
N ASN B 210 2.31 -2.18 -16.97
CA ASN B 210 2.06 -1.07 -17.88
C ASN B 210 2.69 0.19 -17.30
N SER B 211 3.96 0.39 -17.59
CA SER B 211 4.75 1.46 -17.00
C SER B 211 4.20 2.84 -17.26
N ASP B 212 3.72 3.07 -18.46
CA ASP B 212 3.18 4.39 -18.78
C ASP B 212 1.90 4.67 -18.00
N LEU B 213 1.03 3.66 -17.93
CA LEU B 213 -0.23 3.79 -17.21
C LEU B 213 -0.06 3.89 -15.72
N LEU B 214 0.79 3.03 -15.17
CA LEU B 214 1.07 3.06 -13.74
C LEU B 214 1.89 4.28 -13.35
N GLY B 215 2.89 4.59 -14.17
CA GLY B 215 3.67 5.82 -14.08
C GLY B 215 2.83 7.07 -13.95
N TRP B 216 1.79 7.16 -14.76
CA TRP B 216 0.87 8.28 -14.69
C TRP B 216 0.10 8.30 -13.38
N TRP B 217 -0.49 7.17 -13.00
CA TRP B 217 -1.19 7.09 -11.72
C TRP B 217 -0.27 7.49 -10.57
N LEU B 218 0.99 7.07 -10.63
CA LEU B 218 1.94 7.40 -9.58
C LEU B 218 2.35 8.88 -9.57
N CYS B 219 2.63 9.48 -10.73
CA CYS B 219 2.99 10.90 -10.77
C CYS B 219 1.80 11.82 -10.39
N GLU B 220 0.58 11.35 -10.60
CA GLU B 220 -0.62 12.08 -10.16
C GLU B 220 -0.77 12.10 -8.65
N ARG B 221 0.04 11.32 -7.94
CA ARG B 221 0.13 11.41 -6.47
C ARG B 221 0.81 12.71 -5.99
N GLN B 222 1.51 13.45 -6.85
CA GLN B 222 2.24 14.62 -6.39
C GLN B 222 1.28 15.79 -6.23
N LEU B 223 1.22 16.33 -5.03
CA LEU B 223 0.30 17.47 -4.72
C LEU B 223 1.01 18.79 -4.86
N PRO B 224 0.24 19.89 -5.02
CA PRO B 224 0.87 21.20 -5.15
C PRO B 224 1.96 21.52 -4.13
N SER B 225 1.82 21.01 -2.90
CA SER B 225 2.87 21.18 -1.90
C SER B 225 4.15 20.48 -2.27
N GLY B 226 4.04 19.52 -3.21
CA GLY B 226 5.20 18.76 -3.69
C GLY B 226 5.32 17.38 -3.07
N GLY B 227 4.59 17.13 -1.98
CA GLY B 227 4.56 15.81 -1.35
C GLY B 227 3.70 14.87 -2.16
N LEU B 228 3.91 13.58 -1.96
CA LEU B 228 3.14 12.59 -2.67
C LEU B 228 2.22 11.91 -1.70
N ASN B 229 0.99 11.67 -2.15
CA ASN B 229 0.04 10.86 -1.41
C ASN B 229 0.03 9.37 -1.87
N GLY B 230 -0.64 8.52 -1.12
CA GLY B 230 -0.66 7.08 -1.39
C GLY B 230 -1.79 6.66 -2.32
N ARG B 231 -2.82 7.52 -2.42
CA ARG B 231 -3.93 7.36 -3.34
C ARG B 231 -4.71 8.65 -3.49
N PRO B 232 -5.58 8.70 -4.50
CA PRO B 232 -6.35 9.91 -4.73
C PRO B 232 -7.08 10.35 -3.47
N GLU B 233 -7.19 11.65 -3.26
CA GLU B 233 -8.01 12.26 -2.20
C GLU B 233 -7.49 11.89 -0.84
N LYS B 234 -6.16 11.85 -0.72
CA LYS B 234 -5.53 11.64 0.56
C LYS B 234 -4.42 12.66 0.68
N LEU B 235 -3.95 12.83 1.92
CA LEU B 235 -2.91 13.79 2.22
C LEU B 235 -1.54 13.26 1.82
N PRO B 236 -0.63 14.18 1.46
CA PRO B 236 0.74 13.78 1.19
C PRO B 236 1.46 13.30 2.45
N ASP B 237 2.55 12.55 2.27
CA ASP B 237 3.20 11.88 3.38
C ASP B 237 4.56 11.39 2.91
N VAL B 238 5.54 11.44 3.81
CA VAL B 238 6.88 10.97 3.54
C VAL B 238 6.97 9.47 3.23
N CYS B 239 6.10 8.65 3.84
CA CYS B 239 6.19 7.21 3.60
C CYS B 239 5.61 6.91 2.23
N TYR B 240 4.36 7.34 2.00
CA TYR B 240 3.75 7.34 0.65
C TYR B 240 4.67 7.89 -0.40
N SER B 241 5.41 8.94 -0.06
CA SER B 241 6.34 9.54 -1.02
C SER B 241 7.48 8.60 -1.40
N TRP B 242 8.01 7.88 -0.41
CA TRP B 242 9.07 6.90 -0.68
C TRP B 242 8.54 5.79 -1.59
N TRP B 243 7.42 5.21 -1.22
CA TRP B 243 6.81 4.11 -2.02
C TRP B 243 6.54 4.49 -3.47
N VAL B 244 5.96 5.67 -3.65
CA VAL B 244 5.61 6.13 -4.98
C VAL B 244 6.86 6.40 -5.80
N LEU B 245 7.83 7.08 -5.22
CA LEU B 245 9.06 7.44 -5.91
C LEU B 245 9.95 6.23 -6.20
N ALA B 246 10.04 5.33 -5.25
CA ALA B 246 10.75 4.08 -5.46
C ALA B 246 10.07 3.22 -6.55
N SER B 247 8.74 3.16 -6.54
CA SER B 247 7.99 2.50 -7.59
C SER B 247 8.24 3.14 -8.93
N LEU B 248 8.17 4.46 -9.00
CA LEU B 248 8.52 5.19 -10.23
C LEU B 248 9.94 4.88 -10.72
N LYS B 249 10.93 4.90 -9.85
CA LYS B 249 12.29 4.54 -10.25
C LYS B 249 12.32 3.11 -10.81
N ILE B 250 11.70 2.16 -10.12
CA ILE B 250 11.72 0.75 -10.56
C ILE B 250 11.17 0.62 -11.97
N ILE B 251 10.12 1.39 -12.28
CA ILE B 251 9.51 1.30 -13.63
C ILE B 251 10.11 2.30 -14.60
N GLY B 252 11.15 2.98 -14.17
CA GLY B 252 11.89 3.93 -15.03
C GLY B 252 11.24 5.27 -15.31
N ARG B 253 10.45 5.79 -14.39
CA ARG B 253 9.70 7.04 -14.63
C ARG B 253 9.80 8.03 -13.50
N LEU B 254 10.92 8.04 -12.80
CA LEU B 254 11.15 8.97 -11.72
C LEU B 254 11.04 10.45 -12.15
N HIS B 255 11.38 10.71 -13.40
CA HIS B 255 11.32 12.06 -13.95
C HIS B 255 9.90 12.57 -14.15
N TRP B 256 8.89 11.71 -13.91
CA TRP B 256 7.51 12.13 -14.09
C TRP B 256 6.99 12.96 -12.93
N ILE B 257 7.67 12.94 -11.79
CA ILE B 257 7.32 13.92 -10.72
C ILE B 257 8.30 15.12 -10.71
N ASP B 258 7.90 16.20 -10.05
CA ASP B 258 8.75 17.37 -9.84
C ASP B 258 9.70 17.08 -8.66
N ARG B 259 10.94 16.78 -8.98
CA ARG B 259 11.89 16.31 -7.99
C ARG B 259 12.24 17.39 -6.96
N GLU B 260 12.33 18.64 -7.42
CA GLU B 260 12.71 19.75 -6.53
C GLU B 260 11.60 20.08 -5.55
N LYS B 261 10.35 20.03 -6.01
CA LYS B 261 9.23 20.21 -5.10
C LYS B 261 9.10 19.07 -4.10
N LEU B 262 9.41 17.83 -4.53
CA LEU B 262 9.38 16.70 -3.58
C LEU B 262 10.51 16.84 -2.59
N ARG B 263 11.72 17.13 -3.05
CA ARG B 263 12.84 17.40 -2.15
C ARG B 263 12.47 18.40 -1.05
N SER B 264 11.83 19.50 -1.44
CA SER B 264 11.44 20.53 -0.49
C SER B 264 10.41 20.05 0.51
N PHE B 265 9.43 19.26 0.05
CA PHE B 265 8.45 18.67 0.94
C PHE B 265 9.14 17.80 2.00
N ILE B 266 10.06 16.95 1.56
CA ILE B 266 10.68 16.00 2.47
C ILE B 266 11.59 16.74 3.49
N LEU B 267 12.42 17.66 2.98
CA LEU B 267 13.27 18.50 3.87
C LEU B 267 12.43 19.24 4.92
N ALA B 268 11.22 19.66 4.55
CA ALA B 268 10.31 20.38 5.44
C ALA B 268 9.66 19.51 6.49
N CYS B 269 9.82 18.19 6.38
CA CYS B 269 9.28 17.22 7.33
C CYS B 269 10.32 16.90 8.43
N GLN B 270 11.56 17.36 8.25
CA GLN B 270 12.60 17.33 9.28
C GLN B 270 12.24 18.15 10.54
N ASP B 271 12.70 17.67 11.70
CA ASP B 271 12.65 18.44 12.97
C ASP B 271 14.01 19.06 13.23
N GLU B 272 14.10 20.39 13.11
CA GLU B 272 15.34 21.14 13.34
C GLU B 272 15.89 21.00 14.76
N GLU B 273 14.99 20.88 15.73
CA GLU B 273 15.38 20.72 17.12
C GLU B 273 15.79 19.26 17.38
N THR B 274 14.84 18.34 17.29
CA THR B 274 15.05 16.98 17.75
C THR B 274 15.76 16.06 16.76
N GLY B 275 16.02 16.55 15.54
CA GLY B 275 16.38 15.66 14.43
C GLY B 275 15.27 14.66 14.06
N GLY B 276 15.50 13.86 13.02
CA GLY B 276 14.49 12.94 12.46
C GLY B 276 13.45 13.59 11.56
N PHE B 277 12.65 12.76 10.86
CA PHE B 277 11.59 13.24 9.96
C PHE B 277 10.19 12.85 10.46
N ALA B 278 9.20 13.72 10.27
CA ALA B 278 7.81 13.37 10.50
C ALA B 278 7.12 12.92 9.20
N ASP B 279 5.90 12.40 9.32
CA ASP B 279 5.05 12.05 8.17
C ASP B 279 4.70 13.28 7.34
N ARG B 280 4.41 14.39 8.01
CA ARG B 280 4.25 15.66 7.34
C ARG B 280 4.82 16.80 8.19
N PRO B 281 4.97 18.01 7.61
CA PRO B 281 5.66 19.07 8.34
C PRO B 281 4.98 19.42 9.65
N GLY B 282 5.79 19.64 10.68
CA GLY B 282 5.28 20.02 12.00
C GLY B 282 4.69 18.89 12.86
N ASP B 283 4.55 17.68 12.30
CA ASP B 283 4.14 16.52 13.09
C ASP B 283 5.37 16.02 13.83
N MET B 284 5.16 15.06 14.74
CA MET B 284 6.26 14.45 15.49
C MET B 284 7.03 13.40 14.68
N VAL B 285 8.35 13.49 14.73
CA VAL B 285 9.21 12.58 14.00
C VAL B 285 9.07 11.15 14.51
N ASP B 286 9.59 10.23 13.72
CA ASP B 286 9.72 8.83 14.14
C ASP B 286 10.78 8.22 13.24
N PRO B 287 11.29 7.05 13.61
CA PRO B 287 12.35 6.42 12.85
C PRO B 287 11.93 5.85 11.48
N PHE B 288 10.64 5.59 11.34
CA PHE B 288 10.08 4.99 10.14
C PHE B 288 10.16 6.07 9.05
N HIS B 289 9.62 7.23 9.37
CA HIS B 289 9.63 8.35 8.44
C HIS B 289 11.01 8.96 8.23
N THR B 290 11.91 8.76 9.19
CA THR B 290 13.29 9.17 9.02
C THR B 290 14.02 8.32 7.97
N LEU B 291 13.76 7.01 7.95
CA LEU B 291 14.37 6.14 6.93
C LEU B 291 13.89 6.59 5.56
N PHE B 292 12.57 6.75 5.46
CA PHE B 292 11.93 7.06 4.19
C PHE B 292 12.22 8.48 3.64
N GLY B 293 12.28 9.45 4.54
CA GLY B 293 12.75 10.81 4.24
C GLY B 293 14.13 10.78 3.61
N ILE B 294 15.03 10.10 4.27
CA ILE B 294 16.42 10.02 3.85
C ILE B 294 16.56 9.21 2.56
N ALA B 295 15.91 8.05 2.54
CA ALA B 295 15.87 7.17 1.32
C ALA B 295 15.27 7.90 0.13
N GLY B 296 14.23 8.67 0.38
CA GLY B 296 13.59 9.47 -0.65
C GLY B 296 14.55 10.53 -1.20
N LEU B 297 15.15 11.31 -0.30
CA LEU B 297 16.16 12.30 -0.69
C LEU B 297 17.33 11.66 -1.42
N SER B 298 17.74 10.47 -0.99
CA SER B 298 18.81 9.77 -1.71
C SER B 298 18.38 9.46 -3.14
N LEU B 299 17.18 8.91 -3.30
CA LEU B 299 16.66 8.60 -4.63
C LEU B 299 16.53 9.87 -5.47
N LEU B 300 16.25 11.01 -4.84
CA LEU B 300 16.13 12.28 -5.56
C LEU B 300 17.48 12.91 -5.96
N GLY B 301 18.59 12.31 -5.52
CA GLY B 301 19.92 12.69 -5.98
C GLY B 301 20.84 13.38 -4.99
N GLU B 302 20.46 13.40 -3.70
CA GLU B 302 21.29 13.95 -2.63
C GLU B 302 22.65 13.27 -2.49
N GLU B 303 23.73 14.04 -2.72
CA GLU B 303 25.10 13.48 -2.70
C GLU B 303 25.67 13.15 -1.28
N GLN B 304 25.13 13.75 -0.22
CA GLN B 304 25.51 13.37 1.15
C GLN B 304 24.97 12.00 1.60
N ILE B 305 23.87 11.55 1.02
CA ILE B 305 23.27 10.26 1.43
C ILE B 305 23.77 9.19 0.46
N LYS B 306 24.11 8.00 0.97
CA LYS B 306 24.47 6.90 0.09
C LYS B 306 23.33 6.54 -0.89
N PRO B 307 23.68 6.09 -2.10
CA PRO B 307 22.63 5.58 -2.97
C PRO B 307 21.87 4.41 -2.37
N VAL B 308 20.53 4.48 -2.47
CA VAL B 308 19.63 3.47 -1.93
C VAL B 308 18.92 2.65 -3.05
N SER B 309 18.85 1.34 -2.86
CA SER B 309 18.02 0.48 -3.71
C SER B 309 16.54 0.83 -3.56
N PRO B 310 15.87 1.16 -4.69
CA PRO B 310 14.41 1.32 -4.61
C PRO B 310 13.65 0.01 -4.38
N VAL B 311 14.28 -1.14 -4.54
CA VAL B 311 13.63 -2.45 -4.35
C VAL B 311 13.75 -2.90 -2.90
N PHE B 312 14.99 -2.96 -2.41
CA PHE B 312 15.24 -3.42 -1.06
C PHE B 312 15.30 -2.33 0.01
N CYS B 313 15.18 -1.06 -0.37
CA CYS B 313 15.40 0.02 0.57
C CYS B 313 16.62 -0.28 1.50
N MET B 314 17.74 -0.54 0.86
CA MET B 314 19.03 -0.72 1.56
C MET B 314 20.06 -0.03 0.70
N PRO B 315 21.25 0.29 1.27
CA PRO B 315 22.25 0.95 0.44
C PRO B 315 22.65 0.04 -0.71
N GLU B 316 22.70 0.58 -1.92
CA GLU B 316 23.11 -0.19 -3.10
C GLU B 316 24.42 -0.95 -2.88
N GLU B 317 25.34 -0.38 -2.10
CA GLU B 317 26.68 -1.01 -1.96
C GLU B 317 26.65 -2.33 -1.19
N VAL B 318 25.73 -2.44 -0.25
CA VAL B 318 25.46 -3.73 0.40
C VAL B 318 24.98 -4.77 -0.62
N LEU B 319 24.08 -4.34 -1.50
CA LEU B 319 23.46 -5.26 -2.47
C LEU B 319 24.45 -5.68 -3.55
N GLN B 320 25.28 -4.73 -3.97
CA GLN B 320 26.36 -4.99 -4.92
C GLN B 320 27.30 -6.09 -4.37
N ARG B 321 27.63 -5.97 -3.09
CA ARG B 321 28.47 -6.92 -2.39
C ARG B 321 27.89 -8.35 -2.39
N VAL B 322 26.58 -8.47 -2.14
CA VAL B 322 25.90 -9.78 -2.15
C VAL B 322 25.44 -10.19 -3.54
N ASN B 323 25.57 -9.26 -4.49
CA ASN B 323 25.35 -9.56 -5.90
C ASN B 323 23.86 -9.61 -6.29
N VAL B 324 22.97 -9.09 -5.44
CA VAL B 324 21.53 -9.04 -5.76
C VAL B 324 21.21 -7.64 -6.27
N GLN B 325 21.11 -7.49 -7.59
CA GLN B 325 20.76 -6.18 -8.12
C GLN B 325 19.81 -6.32 -9.31
N PRO B 326 18.49 -6.30 -9.03
CA PRO B 326 17.46 -6.42 -10.06
C PRO B 326 17.61 -5.37 -11.16
N GLU B 327 17.54 -5.80 -12.41
CA GLU B 327 17.36 -4.88 -13.54
C GLU B 327 16.03 -4.12 -13.33
N LEU B 328 16.05 -2.82 -13.57
CA LEU B 328 14.84 -1.99 -13.51
C LEU B 328 14.37 -1.68 -14.95
N VAL B 329 13.30 -0.90 -15.09
CA VAL B 329 12.84 -0.45 -16.42
C VAL B 329 13.61 0.79 -16.97
N SER B 330 14.36 1.51 -16.12
CA SER B 330 15.31 2.59 -16.56
C SER B 330 14.82 4.04 -16.29
#